data_7QVK
#
_entry.id   7QVK
#
_cell.length_a   105.767
_cell.length_b   105.767
_cell.length_c   185.882
_cell.angle_alpha   90.000
_cell.angle_beta   90.000
_cell.angle_gamma   120.000
#
_symmetry.space_group_name_H-M   'P 32 2 1'
#
loop_
_entity.id
_entity.type
_entity.pdbx_description
1 polymer 'Receptor tyrosine-protein kinase erbB-2'
2 polymer NM-02
3 branched beta-D-mannopyranose-(1-4)-2-acetamido-2-deoxy-beta-D-glucopyranose-(1-4)-2-acetamido-2-deoxy-beta-D-glucopyranose
4 non-polymer 2-acetamido-2-deoxy-beta-D-glucopyranose
#
loop_
_entity_poly.entity_id
_entity_poly.type
_entity_poly.pdbx_seq_one_letter_code
_entity_poly.pdbx_strand_id
1 'polypeptide(L)'
;TQVCTGTDMKLRLPASPETHLDMLRHLYQGCQVVQGNLELTYLPTNASLSFLQDIQEVQGYVLIAHNQVRQVPLQRLRIV
RGTQLFEDNYALAVLDNGDPLNNTTPVTGASPGGLRELQLRSLTEILKGGVLIQRNPQLCYQDTILWKDIFHKNNQLALT
LIDTNRSRACHPCSPMCKGSRCWGESSEDCQSLTRTVCAGGCARCKGPLPTDCCHEQCAAGCTGPKHSDCLACLHFNHSG
ICELHCPALVTYNTDTFESMPNPEGRYTFGASCVTACPYNYLSTDVGSCTLVCPLHNQEVTAEDGTQRCEKCSKPCARVC
YGLGMEHLREVRAVTSANIQEFAGCKKIFGSLAFLPESFDGDPASNTAPLQPEQLQVFETLEEITGYLYISAWPDSLPDL
SVFQNLQVIRGRILHNGAYSLTLQGLGISWLGLRSLRELGSGLALIHHNTHLCFVHTVPWDQLFRNPHQALLHTANRPED
ECVGEGLACHQLCARGHCWGPGPTQCVNCSQFLRGQECVEECRVLQGLPREYVNARHCLPCHPECQPQNGSVTCFGPEAD
QCVACAHYKDPPFCVARCPSGVKPDLSYMPIWKFPDEEGACQPCPINCTHSCVDLDDKGCPAEQHHHHHH
;
AAA
2 'polypeptide(L)'
;QVQLQESGGGSVQAGETLRLSCTASGFTFDDSDMGWYRQAPGNECELVSSISSDGSTYYADSVKGRFTISQDNAKNTVYL
QMNSLKPEDTGVYYCAAEGHRYELGTCAALDYWGRGTQVTVSSGSGHHHHHH
;
BBB
#
loop_
_chem_comp.id
_chem_comp.type
_chem_comp.name
_chem_comp.formula
BMA D-saccharide, beta linking beta-D-mannopyranose 'C6 H12 O6'
NAG D-saccharide, beta linking 2-acetamido-2-deoxy-beta-D-glucopyranose 'C8 H15 N O6'
#
# COMPACT_ATOMS: atom_id res chain seq x y z
N GLN A 2 -4.08 -10.78 -8.96
CA GLN A 2 -3.34 -10.66 -7.65
C GLN A 2 -2.90 -9.21 -7.41
N VAL A 3 -2.26 -8.54 -8.38
CA VAL A 3 -1.74 -7.15 -8.26
C VAL A 3 -2.75 -6.18 -8.88
N CYS A 4 -2.98 -5.04 -8.21
CA CYS A 4 -4.01 -4.03 -8.57
C CYS A 4 -3.47 -2.63 -8.30
N THR A 5 -3.95 -1.64 -9.06
CA THR A 5 -3.66 -0.20 -8.85
C THR A 5 -4.37 0.23 -7.56
N GLY A 6 -3.85 1.26 -6.91
CA GLY A 6 -4.46 1.92 -5.74
C GLY A 6 -5.23 3.14 -6.17
N THR A 7 -5.31 4.16 -5.30
CA THR A 7 -6.07 5.41 -5.50
C THR A 7 -5.23 6.60 -5.03
N ASP A 8 -5.76 7.82 -5.18
CA ASP A 8 -5.10 9.08 -4.77
C ASP A 8 -6.17 10.17 -4.66
N MET A 9 -7.14 9.96 -3.77
CA MET A 9 -8.23 10.93 -3.46
C MET A 9 -7.88 11.73 -2.19
N LYS A 10 -7.40 11.06 -1.13
CA LYS A 10 -7.14 11.67 0.19
C LYS A 10 -8.49 12.03 0.85
N LEU A 11 -8.54 13.18 1.54
CA LEU A 11 -9.70 13.63 2.33
C LEU A 11 -10.80 14.15 1.39
N ARG A 12 -10.47 14.41 0.12
CA ARG A 12 -11.43 14.78 -0.94
C ARG A 12 -12.62 13.81 -0.89
N LEU A 13 -13.82 14.33 -1.14
CA LEU A 13 -15.13 13.67 -0.88
C LEU A 13 -15.70 13.15 -2.20
N PRO A 14 -16.12 11.86 -2.29
CA PRO A 14 -16.65 11.31 -3.54
C PRO A 14 -17.91 12.04 -4.02
N ALA A 15 -18.01 12.28 -5.33
CA ALA A 15 -19.15 12.97 -5.97
C ALA A 15 -20.33 12.00 -6.12
N SER A 16 -20.05 10.70 -6.31
CA SER A 16 -21.08 9.62 -6.43
C SER A 16 -20.96 8.62 -5.28
N PRO A 17 -21.35 9.02 -4.05
CA PRO A 17 -21.47 8.08 -2.94
C PRO A 17 -22.21 6.78 -3.31
N GLU A 18 -23.17 6.89 -4.24
CA GLU A 18 -24.07 5.81 -4.71
C GLU A 18 -23.25 4.69 -5.36
N THR A 19 -22.10 5.02 -5.98
CA THR A 19 -21.22 4.06 -6.69
C THR A 19 -19.84 3.94 -6.02
N HIS A 20 -19.51 4.83 -5.09
CA HIS A 20 -18.18 4.91 -4.42
C HIS A 20 -17.71 3.50 -3.98
N LEU A 21 -18.56 2.76 -3.28
CA LEU A 21 -18.23 1.41 -2.74
C LEU A 21 -17.92 0.47 -3.92
N ASP A 22 -18.73 0.55 -4.98
CA ASP A 22 -18.62 -0.33 -6.18
C ASP A 22 -17.20 -0.20 -6.76
N MET A 23 -16.70 1.03 -6.89
CA MET A 23 -15.34 1.36 -7.40
C MET A 23 -14.29 0.60 -6.55
N LEU A 24 -14.39 0.70 -5.23
CA LEU A 24 -13.43 0.05 -4.29
C LEU A 24 -13.46 -1.46 -4.53
N ARG A 25 -14.65 -2.08 -4.56
CA ARG A 25 -14.80 -3.54 -4.81
C ARG A 25 -14.06 -3.90 -6.10
N HIS A 26 -14.33 -3.17 -7.18
CA HIS A 26 -13.67 -3.35 -8.50
C HIS A 26 -12.15 -3.24 -8.33
N LEU A 27 -11.69 -2.22 -7.60
CA LEU A 27 -10.24 -1.93 -7.38
C LEU A 27 -9.57 -3.05 -6.59
N TYR A 28 -10.16 -3.45 -5.46
CA TYR A 28 -9.48 -4.22 -4.38
C TYR A 28 -9.97 -5.68 -4.31
N GLN A 29 -11.02 -6.06 -5.03
CA GLN A 29 -11.50 -7.48 -5.10
C GLN A 29 -10.36 -8.34 -5.63
N GLY A 30 -10.10 -9.48 -4.99
CA GLY A 30 -9.12 -10.50 -5.42
C GLY A 30 -7.68 -9.98 -5.44
N CYS A 31 -7.47 -8.71 -5.06
CA CYS A 31 -6.16 -8.01 -5.11
C CYS A 31 -5.37 -8.33 -3.84
N GLN A 32 -4.15 -8.87 -3.99
CA GLN A 32 -3.24 -9.25 -2.88
C GLN A 32 -2.23 -8.12 -2.62
N VAL A 33 -1.73 -7.46 -3.67
CA VAL A 33 -0.75 -6.34 -3.57
C VAL A 33 -1.36 -5.08 -4.20
N VAL A 34 -1.29 -3.96 -3.48
CA VAL A 34 -1.84 -2.64 -3.92
C VAL A 34 -0.67 -1.76 -4.36
N GLN A 35 -0.51 -1.53 -5.67
CA GLN A 35 0.38 -0.49 -6.24
C GLN A 35 -0.22 0.86 -5.88
N GLY A 36 0.59 1.76 -5.31
CA GLY A 36 0.11 3.06 -4.80
C GLY A 36 -0.68 2.88 -3.52
N ASN A 37 -1.59 3.83 -3.24
CA ASN A 37 -2.23 4.00 -1.90
C ASN A 37 -3.49 3.14 -1.80
N LEU A 38 -3.73 2.57 -0.62
CA LEU A 38 -5.03 1.97 -0.20
C LEU A 38 -5.80 3.03 0.58
N GLU A 39 -6.63 3.80 -0.11
CA GLU A 39 -7.50 4.84 0.51
C GLU A 39 -8.89 4.25 0.68
N LEU A 40 -9.35 4.18 1.93
CA LEU A 40 -10.71 3.79 2.36
C LEU A 40 -11.32 4.99 3.09
N THR A 41 -12.34 5.62 2.48
CA THR A 41 -12.87 6.95 2.91
C THR A 41 -14.39 7.02 2.70
N TYR A 42 -15.10 7.70 3.60
CA TYR A 42 -16.52 8.09 3.46
C TYR A 42 -17.36 6.84 3.15
N LEU A 43 -17.24 5.81 4.00
CA LEU A 43 -18.04 4.56 3.94
C LEU A 43 -19.13 4.58 5.01
N PRO A 44 -20.30 3.94 4.76
CA PRO A 44 -21.37 3.86 5.75
C PRO A 44 -21.23 2.65 6.69
N THR A 45 -22.15 2.53 7.67
CA THR A 45 -22.18 1.46 8.70
C THR A 45 -22.53 0.12 8.05
N ASN A 46 -23.60 0.08 7.25
CA ASN A 46 -24.12 -1.13 6.56
C ASN A 46 -22.97 -1.81 5.79
N ALA A 47 -22.04 -1.01 5.23
CA ALA A 47 -21.06 -1.36 4.16
C ALA A 47 -20.28 -2.65 4.45
N SER A 48 -20.29 -3.57 3.48
CA SER A 48 -19.54 -4.86 3.47
C SER A 48 -18.22 -4.64 2.71
N LEU A 49 -17.09 -4.92 3.35
CA LEU A 49 -15.72 -4.71 2.79
C LEU A 49 -14.99 -6.05 2.67
N SER A 50 -15.72 -7.12 2.29
CA SER A 50 -15.25 -8.53 2.25
C SER A 50 -14.25 -8.74 1.10
N PHE A 51 -13.91 -7.68 0.35
CA PHE A 51 -12.95 -7.69 -0.79
C PHE A 51 -11.55 -7.34 -0.28
N LEU A 52 -11.48 -6.44 0.71
CA LEU A 52 -10.21 -5.99 1.34
C LEU A 52 -9.46 -7.15 2.02
N GLN A 53 -10.12 -8.30 2.21
CA GLN A 53 -9.59 -9.44 3.03
C GLN A 53 -8.37 -10.06 2.35
N ASP A 54 -8.23 -9.93 1.02
CA ASP A 54 -7.12 -10.55 0.24
C ASP A 54 -5.87 -9.64 0.26
N ILE A 55 -6.02 -8.35 0.57
CA ILE A 55 -4.92 -7.34 0.55
C ILE A 55 -3.81 -7.78 1.51
N GLN A 56 -2.55 -7.65 1.09
CA GLN A 56 -1.35 -8.20 1.78
C GLN A 56 -0.22 -7.17 1.84
N GLU A 57 -0.03 -6.37 0.79
CA GLU A 57 1.00 -5.30 0.71
C GLU A 57 0.37 -4.00 0.17
N VAL A 58 0.86 -2.85 0.64
CA VAL A 58 0.44 -1.50 0.16
C VAL A 58 1.70 -0.65 -0.04
N GLN A 59 2.20 -0.56 -1.26
CA GLN A 59 3.44 0.20 -1.54
C GLN A 59 3.21 1.69 -1.27
N GLY A 60 1.95 2.07 -1.08
CA GLY A 60 1.62 3.49 -0.87
C GLY A 60 1.43 3.78 0.60
N TYR A 61 0.37 4.50 0.95
CA TYR A 61 0.07 4.84 2.35
C TYR A 61 -1.39 4.50 2.62
N VAL A 62 -1.64 3.75 3.68
CA VAL A 62 -3.01 3.29 4.08
C VAL A 62 -3.69 4.44 4.81
N LEU A 63 -4.83 4.91 4.27
CA LEU A 63 -5.67 6.00 4.86
C LEU A 63 -7.06 5.45 5.15
N ILE A 64 -7.51 5.60 6.39
CA ILE A 64 -8.88 5.20 6.86
C ILE A 64 -9.49 6.42 7.56
N ALA A 65 -10.23 7.25 6.80
CA ALA A 65 -10.74 8.56 7.26
C ALA A 65 -12.24 8.70 6.94
N HIS A 66 -12.97 9.39 7.83
CA HIS A 66 -14.42 9.69 7.72
C HIS A 66 -15.18 8.42 7.33
N ASN A 67 -15.07 7.38 8.18
CA ASN A 67 -15.71 6.05 7.98
C ASN A 67 -16.55 5.71 9.23
N GLN A 68 -17.86 5.50 9.03
CA GLN A 68 -18.83 5.15 10.10
C GLN A 68 -18.92 3.64 10.25
N VAL A 69 -18.16 2.87 9.46
CA VAL A 69 -18.04 1.39 9.63
C VAL A 69 -17.25 1.12 10.92
N ARG A 70 -17.46 -0.06 11.51
CA ARG A 70 -16.82 -0.49 12.78
C ARG A 70 -15.72 -1.53 12.50
N GLN A 71 -15.84 -2.26 11.39
CA GLN A 71 -14.89 -3.31 10.94
C GLN A 71 -14.27 -2.90 9.59
N VAL A 72 -12.95 -3.05 9.45
CA VAL A 72 -12.19 -2.82 8.19
C VAL A 72 -11.22 -3.99 8.02
N PRO A 73 -11.64 -5.11 7.40
CA PRO A 73 -10.87 -6.36 7.44
C PRO A 73 -9.59 -6.32 6.62
N LEU A 74 -8.51 -5.80 7.21
CA LEU A 74 -7.14 -5.77 6.62
C LEU A 74 -6.24 -6.71 7.42
N GLN A 75 -6.74 -7.92 7.69
CA GLN A 75 -6.06 -8.93 8.55
C GLN A 75 -4.76 -9.38 7.87
N ARG A 76 -4.79 -9.63 6.55
CA ARG A 76 -3.67 -10.27 5.81
C ARG A 76 -2.58 -9.26 5.43
N LEU A 77 -2.78 -7.96 5.69
CA LEU A 77 -1.81 -6.87 5.36
C LEU A 77 -0.56 -7.01 6.22
N ARG A 78 0.56 -7.43 5.61
CA ARG A 78 1.85 -7.71 6.28
C ARG A 78 2.74 -6.45 6.30
N ILE A 79 2.75 -5.68 5.21
CA ILE A 79 3.77 -4.60 4.95
C ILE A 79 3.13 -3.40 4.24
N VAL A 80 3.53 -2.19 4.65
CA VAL A 80 3.25 -0.90 3.95
C VAL A 80 4.59 -0.22 3.67
N ARG A 81 4.98 -0.12 2.40
CA ARG A 81 6.32 0.36 1.95
C ARG A 81 6.41 1.89 2.07
N GLY A 82 5.27 2.57 2.05
CA GLY A 82 5.16 4.04 2.25
C GLY A 82 5.99 4.80 1.25
N THR A 83 6.12 4.28 0.01
CA THR A 83 6.84 4.93 -1.11
C THR A 83 6.33 6.36 -1.23
N GLN A 84 5.00 6.52 -1.28
CA GLN A 84 4.26 7.79 -1.09
C GLN A 84 3.76 7.83 0.36
N LEU A 85 3.67 9.02 0.95
CA LEU A 85 3.21 9.22 2.36
C LEU A 85 2.08 10.26 2.40
N PHE A 86 1.06 10.00 3.22
CA PHE A 86 0.01 10.99 3.61
C PHE A 86 0.69 12.16 4.33
N GLU A 87 0.57 13.37 3.80
CA GLU A 87 1.20 14.62 4.34
C GLU A 87 2.72 14.47 4.35
N ASP A 88 3.21 13.55 3.51
CA ASP A 88 4.64 13.25 3.31
C ASP A 88 5.27 12.79 4.62
N ASN A 89 4.46 12.57 5.67
CA ASN A 89 5.06 12.12 6.95
C ASN A 89 4.52 10.78 7.43
N TYR A 90 3.36 10.33 6.97
CA TYR A 90 2.77 9.11 7.59
C TYR A 90 2.48 8.00 6.59
N ALA A 91 2.79 6.76 6.99
CA ALA A 91 2.58 5.55 6.16
C ALA A 91 1.19 4.98 6.44
N LEU A 92 0.66 5.22 7.63
CA LEU A 92 -0.71 4.80 8.06
C LEU A 92 -1.40 5.98 8.75
N ALA A 93 -2.49 6.47 8.17
CA ALA A 93 -3.32 7.59 8.68
C ALA A 93 -4.74 7.09 8.95
N VAL A 94 -5.24 7.27 10.18
CA VAL A 94 -6.60 6.86 10.64
C VAL A 94 -7.23 8.06 11.32
N LEU A 95 -8.15 8.75 10.61
CA LEU A 95 -8.64 10.11 10.96
C LEU A 95 -10.17 10.16 10.93
N ASP A 96 -10.79 10.74 11.95
CA ASP A 96 -12.23 11.10 11.98
C ASP A 96 -13.05 9.88 11.53
N ASN A 97 -13.23 8.89 12.42
CA ASN A 97 -14.03 7.66 12.14
C ASN A 97 -15.07 7.48 13.25
N GLY A 98 -16.16 8.25 13.20
CA GLY A 98 -17.21 8.35 14.24
C GLY A 98 -17.70 9.78 14.40
N ASP A 99 -18.65 10.02 15.31
CA ASP A 99 -19.27 11.35 15.60
C ASP A 99 -20.36 11.61 14.56
N PRO A 100 -21.32 12.55 14.79
CA PRO A 100 -22.30 12.92 13.78
C PRO A 100 -21.76 13.91 12.74
N SER A 111 -27.03 1.82 18.32
CA SER A 111 -25.61 1.35 18.25
C SER A 111 -24.70 2.47 17.75
N PRO A 112 -23.68 2.91 18.54
CA PRO A 112 -22.78 3.99 18.10
C PRO A 112 -21.92 3.59 16.89
N GLY A 113 -21.52 4.58 16.09
CA GLY A 113 -20.80 4.38 14.82
C GLY A 113 -19.34 4.79 14.92
N GLY A 114 -18.47 4.08 14.19
CA GLY A 114 -17.02 4.37 14.10
C GLY A 114 -16.19 3.11 14.12
N LEU A 115 -14.91 3.21 13.77
CA LEU A 115 -13.93 2.10 13.86
C LEU A 115 -13.66 1.79 15.34
N ARG A 116 -13.65 0.51 15.71
CA ARG A 116 -13.55 0.04 17.13
C ARG A 116 -12.24 -0.71 17.37
N GLU A 117 -11.86 -1.59 16.44
CA GLU A 117 -10.55 -2.31 16.43
C GLU A 117 -9.86 -2.05 15.08
N LEU A 118 -8.53 -2.01 15.05
CA LEU A 118 -7.73 -1.89 13.79
C LEU A 118 -7.44 -3.30 13.26
N GLN A 119 -7.27 -4.29 14.14
CA GLN A 119 -7.12 -5.72 13.79
C GLN A 119 -6.10 -5.92 12.65
N LEU A 120 -5.01 -5.15 12.63
CA LEU A 120 -3.92 -5.27 11.63
C LEU A 120 -2.92 -6.31 12.11
N ARG A 121 -3.42 -7.52 12.42
CA ARG A 121 -2.71 -8.56 13.20
C ARG A 121 -1.48 -9.06 12.44
N SER A 122 -1.47 -8.84 11.13
CA SER A 122 -0.37 -9.33 10.26
C SER A 122 0.54 -8.16 9.89
N LEU A 123 0.12 -6.93 10.17
CA LEU A 123 1.05 -5.84 9.84
C LEU A 123 2.27 -6.03 10.73
N THR A 124 3.47 -6.07 10.14
CA THR A 124 4.72 -6.28 10.93
C THR A 124 5.86 -5.54 10.24
N GLU A 125 5.52 -4.72 9.24
CA GLU A 125 6.51 -3.95 8.45
C GLU A 125 5.95 -2.63 7.92
N ILE A 126 6.65 -1.52 8.18
CA ILE A 126 6.39 -0.18 7.58
C ILE A 126 7.75 0.42 7.18
N LEU A 127 8.20 0.12 5.95
CA LEU A 127 9.59 0.39 5.47
C LEU A 127 9.91 1.88 5.62
N LYS A 128 9.03 2.75 5.12
CA LYS A 128 9.18 4.22 5.23
C LYS A 128 7.85 4.82 5.68
N GLY A 129 7.90 5.84 6.53
CA GLY A 129 6.72 6.63 6.97
C GLY A 129 6.22 6.21 8.34
N GLY A 130 5.63 7.15 9.07
CA GLY A 130 5.18 7.00 10.47
C GLY A 130 3.72 6.58 10.57
N VAL A 131 3.10 6.79 11.74
CA VAL A 131 1.68 6.44 12.02
C VAL A 131 0.98 7.65 12.64
N LEU A 132 -0.15 8.06 12.05
CA LEU A 132 -1.04 9.14 12.55
C LEU A 132 -2.45 8.59 12.77
N ILE A 133 -2.83 8.37 14.03
CA ILE A 133 -4.20 7.98 14.44
C ILE A 133 -4.77 9.12 15.28
N GLN A 134 -5.93 9.65 14.92
CA GLN A 134 -6.59 10.74 15.68
C GLN A 134 -8.10 10.72 15.42
N ARG A 135 -8.86 11.42 16.26
CA ARG A 135 -10.30 11.72 16.02
C ARG A 135 -11.17 10.53 15.62
N ASN A 136 -11.33 9.52 16.47
CA ASN A 136 -12.27 8.39 16.21
C ASN A 136 -12.48 7.68 17.55
N PRO A 137 -13.71 7.92 18.39
CA PRO A 137 -14.15 7.56 19.74
C PRO A 137 -14.23 6.04 20.00
N GLN A 138 -14.75 5.28 19.04
CA GLN A 138 -15.02 3.83 19.23
C GLN A 138 -13.69 3.06 19.26
N LEU A 139 -12.61 3.59 18.68
CA LEU A 139 -11.36 2.84 18.48
C LEU A 139 -10.68 2.53 19.82
N CYS A 140 -10.28 1.27 20.02
CA CYS A 140 -9.40 0.79 21.11
C CYS A 140 -8.07 0.29 20.51
N TYR A 141 -7.17 -0.19 21.36
CA TYR A 141 -5.96 -0.98 20.98
C TYR A 141 -5.11 -0.19 19.97
N GLN A 142 -4.99 1.12 20.19
CA GLN A 142 -4.27 2.07 19.33
C GLN A 142 -2.94 2.45 20.01
N ASP A 143 -2.91 2.45 21.34
CA ASP A 143 -1.74 2.78 22.20
C ASP A 143 -1.15 1.50 22.79
N THR A 144 -1.87 0.39 22.73
CA THR A 144 -1.43 -0.95 23.18
C THR A 144 -0.34 -1.51 22.26
N ILE A 145 -0.28 -1.06 21.00
CA ILE A 145 0.66 -1.58 19.95
C ILE A 145 2.01 -0.87 20.08
N LEU A 146 3.10 -1.67 20.14
CA LEU A 146 4.51 -1.21 20.06
C LEU A 146 4.85 -0.93 18.58
N TRP A 147 4.72 0.33 18.15
CA TRP A 147 4.76 0.74 16.73
C TRP A 147 6.19 0.59 16.16
N LYS A 148 7.21 0.73 17.02
CA LYS A 148 8.62 0.77 16.57
C LYS A 148 9.10 -0.64 16.17
N ASP A 149 8.41 -1.71 16.59
CA ASP A 149 8.73 -3.09 16.14
C ASP A 149 8.25 -3.29 14.70
N ILE A 150 7.13 -2.66 14.33
CA ILE A 150 6.54 -2.69 12.96
C ILE A 150 7.37 -1.74 12.07
N PHE A 151 7.70 -0.55 12.56
CA PHE A 151 8.68 0.37 11.93
C PHE A 151 9.96 -0.42 11.62
N HIS A 152 10.49 -0.27 10.40
CA HIS A 152 11.74 -0.92 9.92
C HIS A 152 12.95 -0.28 10.62
N LYS A 153 14.10 -0.95 10.57
CA LYS A 153 15.35 -0.48 11.22
C LYS A 153 15.77 0.84 10.56
N ASN A 154 16.11 0.77 9.28
CA ASN A 154 16.61 1.94 8.51
C ASN A 154 15.49 2.94 8.25
N ASN A 155 14.26 2.65 8.72
CA ASN A 155 13.18 3.62 8.42
C ASN A 155 13.56 4.94 9.07
N GLN A 156 13.58 6.00 8.29
CA GLN A 156 13.96 7.33 8.81
C GLN A 156 12.71 7.96 9.42
N LEU A 157 11.65 8.02 8.62
CA LEU A 157 10.38 8.63 9.11
C LEU A 157 9.75 7.66 10.13
N ALA A 158 10.18 7.76 11.41
CA ALA A 158 9.72 6.93 12.55
C ALA A 158 8.79 7.74 13.46
N LEU A 159 8.18 8.80 12.92
CA LEU A 159 7.28 9.72 13.68
C LEU A 159 6.00 8.95 14.04
N THR A 160 5.42 9.21 15.21
CA THR A 160 4.11 8.66 15.64
C THR A 160 3.36 9.69 16.49
N LEU A 161 2.26 10.24 15.96
CA LEU A 161 1.31 11.12 16.69
C LEU A 161 -0.04 10.40 16.78
N ILE A 162 -0.39 9.89 17.97
CA ILE A 162 -1.64 9.11 18.22
C ILE A 162 -2.46 9.80 19.31
N ASP A 163 -3.79 9.72 19.19
CA ASP A 163 -4.80 10.37 20.08
C ASP A 163 -5.67 9.24 20.66
N THR A 164 -5.70 9.11 21.99
CA THR A 164 -6.47 8.08 22.74
C THR A 164 -7.88 8.62 23.08
N ASN A 165 -8.05 9.95 23.11
CA ASN A 165 -9.34 10.63 23.40
C ASN A 165 -10.48 9.79 22.82
N ARG A 166 -11.34 9.23 23.69
CA ARG A 166 -12.37 8.23 23.32
C ARG A 166 -13.68 8.53 24.06
N SER A 167 -14.72 7.75 23.74
CA SER A 167 -16.06 7.76 24.41
C SER A 167 -16.55 6.32 24.55
N ARG A 168 -15.72 5.41 25.08
CA ARG A 168 -16.11 4.04 25.50
C ARG A 168 -15.03 3.48 26.43
N ALA A 169 -15.29 2.28 26.96
CA ALA A 169 -14.35 1.51 27.81
C ALA A 169 -13.67 0.43 26.97
N CYS A 170 -12.36 0.27 27.10
CA CYS A 170 -11.55 -0.70 26.31
C CYS A 170 -11.33 -1.97 27.13
N HIS A 171 -12.17 -2.98 26.90
CA HIS A 171 -11.98 -4.38 27.38
C HIS A 171 -10.52 -4.75 27.16
N PRO A 172 -9.67 -4.85 28.22
CA PRO A 172 -8.23 -5.05 28.03
C PRO A 172 -7.83 -6.35 27.31
N CYS A 173 -6.65 -6.32 26.67
CA CYS A 173 -6.05 -7.42 25.86
C CYS A 173 -6.19 -8.75 26.62
N SER A 174 -6.35 -9.86 25.88
CA SER A 174 -6.27 -11.25 26.42
C SER A 174 -5.03 -11.35 27.29
N PRO A 175 -5.10 -12.02 28.47
CA PRO A 175 -3.90 -12.34 29.23
C PRO A 175 -2.82 -13.09 28.42
N MET A 176 -3.23 -13.77 27.34
CA MET A 176 -2.35 -14.59 26.46
C MET A 176 -1.51 -13.69 25.54
N CYS A 177 -1.81 -12.39 25.48
CA CYS A 177 -1.04 -11.38 24.69
C CYS A 177 0.19 -10.93 25.49
N LYS A 178 1.37 -11.44 25.13
CA LYS A 178 2.66 -11.09 25.76
C LYS A 178 2.84 -9.56 25.71
N GLY A 179 3.06 -8.95 26.88
CA GLY A 179 3.27 -7.50 27.05
C GLY A 179 1.94 -6.74 27.11
N SER A 180 0.82 -7.47 27.12
CA SER A 180 -0.54 -6.90 26.96
C SER A 180 -0.52 -5.95 25.75
N ARG A 181 0.02 -6.42 24.62
CA ARG A 181 0.08 -5.70 23.32
C ARG A 181 -0.78 -6.48 22.32
N CYS A 182 -1.86 -5.86 21.84
CA CYS A 182 -2.93 -6.53 21.07
C CYS A 182 -3.67 -5.51 20.18
N TRP A 183 -4.30 -5.98 19.10
CA TRP A 183 -5.18 -5.18 18.21
C TRP A 183 -6.65 -5.36 18.65
N GLY A 184 -6.92 -6.35 19.50
CA GLY A 184 -8.27 -6.77 19.92
C GLY A 184 -8.26 -7.57 21.21
N GLU A 185 -9.43 -7.69 21.85
CA GLU A 185 -9.66 -8.52 23.06
C GLU A 185 -9.38 -9.99 22.77
N SER A 186 -9.59 -10.41 21.51
CA SER A 186 -9.46 -11.82 21.05
C SER A 186 -8.05 -12.36 21.28
N SER A 187 -7.94 -13.68 21.42
CA SER A 187 -6.67 -14.44 21.59
C SER A 187 -5.83 -14.39 20.32
N GLU A 188 -6.46 -14.16 19.16
CA GLU A 188 -5.79 -14.17 17.82
C GLU A 188 -5.24 -12.79 17.48
N ASP A 189 -5.64 -11.73 18.20
CA ASP A 189 -5.30 -10.32 17.87
C ASP A 189 -4.16 -9.82 18.79
N CYS A 190 -3.27 -10.71 19.24
CA CYS A 190 -2.03 -10.36 20.00
C CYS A 190 -0.92 -9.95 19.03
N GLN A 191 -0.29 -8.78 19.23
CA GLN A 191 0.77 -8.25 18.33
C GLN A 191 2.03 -9.13 18.42
N SER A 192 2.34 -9.87 17.36
CA SER A 192 3.62 -10.61 17.18
C SER A 192 4.74 -9.62 16.85
N LEU A 193 5.84 -9.66 17.61
CA LEU A 193 7.07 -8.84 17.40
C LEU A 193 8.05 -9.64 16.54
N THR A 194 8.76 -8.97 15.63
CA THR A 194 9.74 -9.60 14.70
C THR A 194 10.99 -8.73 14.51
N ARG A 195 11.14 -7.63 15.25
CA ARG A 195 12.32 -6.73 15.18
C ARG A 195 12.96 -6.55 16.56
N THR A 196 12.23 -5.90 17.48
CA THR A 196 12.74 -5.44 18.80
C THR A 196 13.19 -6.62 19.67
N VAL A 197 12.70 -7.84 19.39
CA VAL A 197 12.95 -9.06 20.21
C VAL A 197 13.94 -10.00 19.49
N CYS A 198 14.70 -9.50 18.51
CA CYS A 198 15.71 -10.28 17.75
C CYS A 198 17.09 -10.10 18.37
N ALA A 199 18.02 -10.98 18.03
CA ALA A 199 19.45 -10.95 18.45
C ALA A 199 20.33 -11.04 17.20
N GLY A 200 21.63 -10.81 17.39
CA GLY A 200 22.55 -10.70 16.24
C GLY A 200 22.39 -9.32 15.63
N GLY A 201 21.28 -8.66 15.96
CA GLY A 201 20.89 -7.31 15.52
C GLY A 201 20.05 -7.35 14.26
N CYS A 202 20.11 -8.47 13.53
CA CYS A 202 19.41 -8.70 12.24
C CYS A 202 18.00 -8.15 12.31
N ALA A 203 17.70 -7.26 11.39
CA ALA A 203 16.44 -6.50 11.29
C ALA A 203 15.21 -7.31 11.69
N ARG A 204 15.03 -8.50 11.11
CA ARG A 204 13.85 -9.35 11.39
C ARG A 204 14.29 -10.75 11.80
N CYS A 205 13.47 -11.42 12.61
CA CYS A 205 13.72 -12.79 13.14
C CYS A 205 12.39 -13.53 13.42
N LYS A 206 12.47 -14.86 13.58
CA LYS A 206 11.35 -15.74 14.00
C LYS A 206 11.67 -16.38 15.35
N GLY A 207 12.74 -15.95 16.03
CA GLY A 207 13.13 -16.49 17.35
C GLY A 207 14.14 -15.59 18.06
N PRO A 208 14.54 -15.94 19.30
CA PRO A 208 15.46 -15.10 20.08
C PRO A 208 16.93 -15.17 19.62
N LEU A 209 17.38 -16.31 19.11
CA LEU A 209 18.83 -16.54 18.79
C LEU A 209 19.15 -15.98 17.40
N PRO A 210 20.45 -15.72 17.10
CA PRO A 210 20.85 -15.21 15.79
C PRO A 210 20.60 -16.22 14.66
N THR A 211 20.70 -17.52 14.95
CA THR A 211 20.44 -18.63 14.00
C THR A 211 18.96 -18.59 13.58
N ASP A 212 18.12 -17.85 14.29
CA ASP A 212 16.67 -17.68 13.98
C ASP A 212 16.43 -16.38 13.21
N CYS A 213 17.49 -15.61 12.91
CA CYS A 213 17.40 -14.35 12.12
C CYS A 213 16.87 -14.68 10.72
N CYS A 214 15.99 -13.83 10.19
CA CYS A 214 15.50 -13.88 8.78
C CYS A 214 16.60 -13.40 7.85
N HIS A 215 16.67 -13.97 6.63
CA HIS A 215 17.61 -13.56 5.56
C HIS A 215 17.59 -12.02 5.44
N GLU A 216 18.72 -11.41 5.06
CA GLU A 216 18.88 -9.94 5.00
C GLU A 216 17.91 -9.31 3.99
N GLN A 217 17.37 -10.10 3.06
CA GLN A 217 16.50 -9.66 1.93
C GLN A 217 15.02 -9.93 2.23
N CYS A 218 14.69 -10.32 3.46
CA CYS A 218 13.29 -10.46 3.96
C CYS A 218 12.86 -9.16 4.66
N ALA A 219 11.55 -8.97 4.79
CA ALA A 219 10.90 -7.86 5.53
C ALA A 219 9.63 -8.36 6.20
N ALA A 220 9.32 -7.83 7.40
CA ALA A 220 8.08 -8.13 8.16
C ALA A 220 8.19 -9.48 8.90
N GLY A 221 9.28 -10.22 8.69
CA GLY A 221 9.53 -11.54 9.32
C GLY A 221 9.80 -12.61 8.28
N CYS A 222 9.84 -13.88 8.71
CA CYS A 222 10.07 -15.08 7.85
C CYS A 222 9.62 -16.35 8.58
N THR A 223 9.71 -17.49 7.90
CA THR A 223 9.40 -18.84 8.44
C THR A 223 10.67 -19.71 8.47
N GLY A 224 11.80 -19.16 8.01
CA GLY A 224 13.06 -19.92 7.89
C GLY A 224 14.24 -19.03 7.50
N PRO A 225 15.48 -19.59 7.46
CA PRO A 225 16.69 -18.79 7.32
C PRO A 225 16.88 -18.22 5.91
N LYS A 226 16.81 -19.10 4.90
CA LYS A 226 17.05 -18.79 3.46
C LYS A 226 16.10 -17.69 2.99
N HIS A 227 16.30 -17.21 1.75
CA HIS A 227 15.59 -16.05 1.13
C HIS A 227 14.24 -16.48 0.53
N SER A 228 13.94 -17.78 0.44
CA SER A 228 12.63 -18.31 -0.03
C SER A 228 11.58 -18.12 1.08
N ASP A 229 12.01 -17.96 2.33
CA ASP A 229 11.16 -18.10 3.54
C ASP A 229 10.53 -16.76 3.95
N CYS A 230 10.92 -15.65 3.31
CA CYS A 230 10.50 -14.27 3.71
C CYS A 230 8.98 -14.13 3.65
N LEU A 231 8.40 -13.54 4.69
CA LEU A 231 6.97 -13.12 4.72
C LEU A 231 6.74 -12.06 3.64
N ALA A 232 7.67 -11.11 3.52
CA ALA A 232 7.71 -10.10 2.45
C ALA A 232 9.17 -9.88 2.03
N CYS A 233 9.41 -9.64 0.73
CA CYS A 233 10.74 -9.24 0.21
C CYS A 233 10.94 -7.74 0.46
N LEU A 234 12.12 -7.35 0.93
CA LEU A 234 12.49 -5.96 1.29
C LEU A 234 12.61 -5.11 0.02
N HIS A 235 13.06 -5.73 -1.08
CA HIS A 235 13.46 -5.04 -2.34
C HIS A 235 12.63 -5.55 -3.52
N PHE A 236 12.84 -6.80 -3.98
CA PHE A 236 12.17 -7.40 -5.15
C PHE A 236 12.00 -8.91 -4.96
N ASN A 237 11.02 -9.50 -5.68
CA ASN A 237 10.67 -10.94 -5.66
C ASN A 237 11.07 -11.59 -6.99
N HIS A 238 12.14 -12.39 -6.98
CA HIS A 238 12.73 -13.09 -8.15
C HIS A 238 12.14 -14.51 -8.24
N SER A 239 10.87 -14.60 -8.61
CA SER A 239 10.17 -15.90 -8.73
C SER A 239 10.30 -16.70 -7.44
N GLY A 240 9.83 -16.14 -6.34
CA GLY A 240 9.82 -16.80 -5.02
C GLY A 240 11.06 -16.53 -4.21
N ILE A 241 12.09 -15.97 -4.83
CA ILE A 241 13.33 -15.63 -4.08
C ILE A 241 13.37 -14.11 -3.94
N CYS A 242 14.02 -13.59 -2.90
CA CYS A 242 14.08 -12.12 -2.73
C CYS A 242 15.50 -11.63 -3.03
N GLU A 243 15.76 -11.20 -4.27
CA GLU A 243 17.05 -10.60 -4.72
C GLU A 243 17.04 -9.11 -4.33
N LEU A 244 18.20 -8.45 -4.35
CA LEU A 244 18.36 -7.00 -4.01
C LEU A 244 17.95 -6.16 -5.23
N HIS A 245 18.43 -6.53 -6.42
CA HIS A 245 17.96 -6.05 -7.73
C HIS A 245 17.43 -7.26 -8.51
N CYS A 246 16.68 -7.01 -9.58
CA CYS A 246 16.27 -8.06 -10.55
C CYS A 246 17.41 -8.26 -11.55
N PRO A 247 17.48 -9.43 -12.22
CA PRO A 247 18.52 -9.67 -13.23
C PRO A 247 18.40 -8.70 -14.41
N ALA A 248 19.44 -7.91 -14.71
CA ALA A 248 19.50 -6.94 -15.82
C ALA A 248 19.30 -7.68 -17.15
N LEU A 249 18.74 -7.00 -18.16
CA LEU A 249 18.42 -7.57 -19.49
C LEU A 249 19.68 -7.61 -20.37
N VAL A 250 20.67 -6.80 -20.00
CA VAL A 250 21.93 -6.55 -20.77
C VAL A 250 23.09 -7.23 -20.04
N THR A 251 23.90 -8.02 -20.76
CA THR A 251 25.28 -8.42 -20.36
C THR A 251 26.27 -7.74 -21.31
N TYR A 252 27.48 -7.44 -20.82
CA TYR A 252 28.53 -6.66 -21.53
C TYR A 252 29.73 -7.55 -21.85
N ASN A 253 30.16 -7.57 -23.12
CA ASN A 253 31.37 -8.29 -23.60
C ASN A 253 32.55 -7.89 -22.71
N THR A 254 33.21 -8.88 -22.11
CA THR A 254 34.34 -8.74 -21.15
C THR A 254 35.34 -7.69 -21.66
N ASP A 255 35.62 -7.67 -22.97
CA ASP A 255 36.71 -6.90 -23.63
C ASP A 255 36.20 -5.53 -24.09
N THR A 256 35.15 -5.50 -24.92
CA THR A 256 34.74 -4.33 -25.75
C THR A 256 33.59 -3.56 -25.10
N PHE A 257 32.70 -4.26 -24.38
CA PHE A 257 31.53 -3.71 -23.63
C PHE A 257 30.31 -3.62 -24.56
N GLU A 258 30.27 -4.45 -25.62
CA GLU A 258 29.13 -4.57 -26.56
C GLU A 258 27.91 -5.12 -25.79
N SER A 259 26.87 -4.31 -25.66
CA SER A 259 25.60 -4.63 -24.93
C SER A 259 24.84 -5.75 -25.66
N MET A 260 24.79 -6.95 -25.07
CA MET A 260 24.05 -8.12 -25.59
C MET A 260 22.94 -8.46 -24.60
N PRO A 261 21.68 -8.70 -25.06
CA PRO A 261 20.59 -9.04 -24.15
C PRO A 261 20.75 -10.47 -23.59
N ASN A 262 20.77 -10.60 -22.25
CA ASN A 262 20.85 -11.91 -21.54
C ASN A 262 19.43 -12.45 -21.34
N PRO A 263 19.24 -13.79 -21.40
CA PRO A 263 17.91 -14.38 -21.29
C PRO A 263 17.35 -14.41 -19.86
N GLU A 264 18.21 -14.17 -18.85
CA GLU A 264 17.85 -14.22 -17.41
C GLU A 264 17.22 -12.88 -16.99
N GLY A 265 17.35 -11.85 -17.85
CA GLY A 265 16.90 -10.47 -17.57
C GLY A 265 15.43 -10.41 -17.19
N ARG A 266 15.07 -9.50 -16.27
CA ARG A 266 13.68 -9.28 -15.81
C ARG A 266 13.47 -7.80 -15.49
N TYR A 267 12.34 -7.23 -15.94
CA TYR A 267 11.91 -5.85 -15.63
C TYR A 267 11.37 -5.81 -14.19
N THR A 268 11.57 -4.69 -13.49
CA THR A 268 11.12 -4.48 -12.08
C THR A 268 9.76 -3.79 -12.08
N PHE A 269 8.70 -4.56 -11.85
CA PHE A 269 7.34 -3.98 -11.75
C PHE A 269 6.98 -3.96 -10.27
N GLY A 270 6.80 -2.78 -9.69
CA GLY A 270 6.49 -2.76 -8.25
C GLY A 270 7.63 -3.42 -7.50
N ALA A 271 7.34 -4.44 -6.70
CA ALA A 271 8.42 -5.12 -5.94
C ALA A 271 8.50 -6.59 -6.37
N SER A 272 8.36 -6.84 -7.66
CA SER A 272 8.40 -8.21 -8.23
C SER A 272 9.01 -8.19 -9.64
N CYS A 273 10.07 -8.98 -9.85
CA CYS A 273 10.75 -9.18 -11.16
C CYS A 273 9.79 -9.92 -12.11
N VAL A 274 9.64 -9.43 -13.34
CA VAL A 274 8.65 -9.92 -14.33
C VAL A 274 9.32 -10.04 -15.71
N THR A 275 8.99 -11.13 -16.43
CA THR A 275 9.50 -11.48 -17.79
C THR A 275 9.28 -10.29 -18.73
N ALA A 276 8.03 -9.82 -18.79
CA ALA A 276 7.61 -8.58 -19.49
C ALA A 276 6.66 -7.79 -18.58
N CYS A 277 6.51 -6.50 -18.84
CA CYS A 277 5.64 -5.57 -18.07
C CYS A 277 4.17 -5.98 -18.19
N PRO A 278 3.28 -5.46 -17.33
CA PRO A 278 1.84 -5.56 -17.55
C PRO A 278 1.41 -4.54 -18.61
N TYR A 279 0.17 -4.68 -19.10
CA TYR A 279 -0.43 -3.84 -20.18
C TYR A 279 -0.51 -2.37 -19.70
N ASN A 280 -0.44 -1.43 -20.64
CA ASN A 280 -0.58 0.04 -20.44
C ASN A 280 0.62 0.59 -19.63
N TYR A 281 1.62 -0.26 -19.37
CA TYR A 281 2.87 0.08 -18.68
C TYR A 281 4.02 0.10 -19.70
N LEU A 282 4.97 1.01 -19.51
CA LEU A 282 6.11 1.24 -20.44
C LEU A 282 7.30 0.38 -20.00
N SER A 283 7.85 -0.43 -20.92
CA SER A 283 9.16 -1.11 -20.76
C SER A 283 10.28 -0.09 -21.10
N THR A 284 11.34 -0.05 -20.29
CA THR A 284 12.51 0.86 -20.50
C THR A 284 13.76 0.01 -20.79
N ASP A 285 14.76 0.63 -21.42
CA ASP A 285 16.12 0.07 -21.65
C ASP A 285 16.84 -0.11 -20.31
N VAL A 286 16.38 0.58 -19.27
CA VAL A 286 16.91 0.59 -17.87
C VAL A 286 16.40 -0.65 -17.12
N GLY A 287 15.61 -1.52 -17.77
CA GLY A 287 15.00 -2.71 -17.16
C GLY A 287 14.01 -2.35 -16.06
N SER A 288 13.00 -1.54 -16.40
CA SER A 288 11.90 -1.10 -15.49
C SER A 288 10.56 -1.12 -16.24
N CYS A 289 9.47 -1.23 -15.49
CA CYS A 289 8.08 -0.94 -15.92
C CYS A 289 7.62 0.33 -15.22
N THR A 290 7.13 1.32 -15.97
CA THR A 290 6.69 2.63 -15.41
C THR A 290 5.59 3.27 -16.28
N LEU A 291 5.03 4.37 -15.78
CA LEU A 291 3.87 5.10 -16.36
C LEU A 291 4.32 6.46 -16.91
N VAL A 292 5.29 7.10 -16.26
CA VAL A 292 6.00 8.30 -16.80
C VAL A 292 7.40 7.86 -17.21
N CYS A 293 7.86 8.28 -18.38
CA CYS A 293 9.17 7.89 -18.94
C CYS A 293 10.27 8.77 -18.33
N PRO A 294 11.48 8.20 -18.06
CA PRO A 294 12.62 8.98 -17.55
C PRO A 294 12.98 10.21 -18.40
N LEU A 295 13.86 11.06 -17.90
CA LEU A 295 14.19 12.38 -18.49
C LEU A 295 15.23 12.18 -19.59
N HIS A 296 15.15 12.97 -20.66
CA HIS A 296 15.92 12.80 -21.93
C HIS A 296 15.50 11.47 -22.59
N ASN A 297 14.20 11.14 -22.53
CA ASN A 297 13.59 9.91 -23.09
C ASN A 297 12.32 10.27 -23.88
N GLN A 298 11.96 9.46 -24.88
CA GLN A 298 10.75 9.62 -25.71
C GLN A 298 9.95 8.31 -25.68
N GLU A 299 8.62 8.39 -25.72
CA GLU A 299 7.72 7.21 -25.82
C GLU A 299 7.76 6.66 -27.25
N VAL A 300 7.67 5.34 -27.40
CA VAL A 300 7.72 4.62 -28.72
C VAL A 300 6.63 3.55 -28.72
N THR A 301 6.08 3.24 -29.91
CA THR A 301 5.13 2.12 -30.15
C THR A 301 5.87 1.00 -30.88
N ALA A 302 5.45 -0.26 -30.71
CA ALA A 302 6.08 -1.46 -31.29
C ALA A 302 5.24 -1.99 -32.47
N GLU A 303 5.70 -3.07 -33.10
CA GLU A 303 5.04 -3.77 -34.24
C GLU A 303 3.58 -4.05 -33.88
N ASP A 304 3.33 -4.55 -32.67
CA ASP A 304 2.00 -5.03 -32.19
C ASP A 304 1.40 -4.06 -31.16
N GLY A 305 1.84 -2.79 -31.16
CA GLY A 305 1.29 -1.72 -30.31
C GLY A 305 2.01 -1.55 -28.98
N THR A 306 2.80 -2.55 -28.55
CA THR A 306 3.58 -2.57 -27.28
C THR A 306 4.36 -1.25 -27.12
N GLN A 307 3.99 -0.43 -26.13
CA GLN A 307 4.66 0.86 -25.86
C GLN A 307 5.91 0.62 -25.00
N ARG A 308 7.04 1.20 -25.40
CA ARG A 308 8.36 1.08 -24.76
C ARG A 308 8.86 2.48 -24.36
N CYS A 309 10.18 2.67 -24.25
CA CYS A 309 10.79 3.94 -23.80
C CYS A 309 12.27 4.01 -24.19
N GLU A 310 12.56 4.62 -25.34
CA GLU A 310 13.91 4.73 -25.97
C GLU A 310 14.54 6.07 -25.56
N LYS A 311 15.87 6.10 -25.36
CA LYS A 311 16.63 7.34 -25.06
C LYS A 311 16.77 8.16 -26.35
N CYS A 312 16.79 9.50 -26.22
CA CYS A 312 16.81 10.47 -27.35
C CYS A 312 17.93 11.49 -27.12
N PRO A 315 19.30 15.13 -28.96
CA PRO A 315 18.11 15.59 -29.68
C PRO A 315 16.84 14.85 -29.26
N CYS A 316 15.84 15.56 -28.71
CA CYS A 316 14.55 14.97 -28.25
C CYS A 316 13.37 15.89 -28.61
N ALA A 317 12.43 15.38 -29.42
CA ALA A 317 11.35 16.10 -30.11
C ALA A 317 10.47 16.86 -29.11
N ARG A 318 10.06 18.09 -29.47
CA ARG A 318 9.05 18.90 -28.73
C ARG A 318 7.75 18.09 -28.70
N VAL A 319 7.03 18.13 -27.58
CA VAL A 319 5.75 17.37 -27.37
C VAL A 319 4.81 18.19 -26.48
N CYS A 320 3.52 17.87 -26.54
CA CYS A 320 2.40 18.60 -25.87
C CYS A 320 2.17 18.07 -24.45
N TYR A 321 2.40 18.90 -23.43
CA TYR A 321 2.19 18.50 -22.01
C TYR A 321 0.77 18.90 -21.59
N GLY A 322 0.04 17.94 -20.99
CA GLY A 322 -1.25 18.14 -20.32
C GLY A 322 -1.07 18.51 -18.87
N LEU A 323 -2.11 18.34 -18.04
CA LEU A 323 -2.10 18.76 -16.61
C LEU A 323 -1.45 17.65 -15.76
N GLY A 324 -0.51 18.02 -14.90
CA GLY A 324 0.30 17.11 -14.06
C GLY A 324 1.66 16.81 -14.67
N MET A 325 2.13 17.69 -15.56
CA MET A 325 3.43 17.50 -16.24
C MET A 325 4.04 18.88 -16.47
N GLU A 326 5.35 18.99 -16.36
CA GLU A 326 6.07 20.26 -16.65
C GLU A 326 5.46 21.40 -15.82
N HIS A 327 5.14 22.51 -16.49
CA HIS A 327 4.57 23.69 -15.79
C HIS A 327 3.12 23.43 -15.42
N LEU A 328 2.46 22.54 -16.16
CA LEU A 328 1.02 22.23 -15.91
C LEU A 328 0.89 21.18 -14.79
N ARG A 329 1.90 21.07 -13.92
CA ARG A 329 1.90 20.17 -12.73
C ARG A 329 0.89 20.71 -11.71
N GLU A 330 0.86 22.02 -11.48
CA GLU A 330 0.07 22.71 -10.42
C GLU A 330 -1.22 23.29 -10.99
N VAL A 331 -1.27 23.48 -12.30
CA VAL A 331 -2.46 24.01 -13.00
C VAL A 331 -3.65 23.15 -12.60
N ARG A 332 -4.76 23.77 -12.19
CA ARG A 332 -5.96 23.02 -11.71
C ARG A 332 -6.73 22.43 -12.89
N ALA A 333 -7.02 23.22 -13.93
CA ALA A 333 -7.75 22.68 -15.10
C ALA A 333 -7.51 23.56 -16.32
N VAL A 334 -7.96 23.11 -17.50
CA VAL A 334 -7.77 23.90 -18.74
C VAL A 334 -8.52 25.21 -18.55
N THR A 335 -7.91 26.33 -18.92
CA THR A 335 -8.55 27.65 -18.75
C THR A 335 -8.29 28.49 -20.00
N SER A 336 -8.93 29.66 -20.07
CA SER A 336 -8.75 30.60 -21.21
C SER A 336 -7.29 31.03 -21.27
N ALA A 337 -6.65 31.27 -20.13
CA ALA A 337 -5.24 31.68 -20.14
C ALA A 337 -4.37 30.61 -20.80
N ASN A 338 -4.63 29.33 -20.53
CA ASN A 338 -3.74 28.26 -21.07
C ASN A 338 -4.41 27.35 -22.10
N ILE A 339 -5.57 27.70 -22.65
CA ILE A 339 -6.20 26.75 -23.63
C ILE A 339 -5.40 26.66 -24.93
N GLN A 340 -4.68 27.73 -25.31
CA GLN A 340 -3.97 27.81 -26.62
C GLN A 340 -2.89 26.74 -26.82
N GLU A 341 -2.29 26.24 -25.75
CA GLU A 341 -1.15 25.30 -25.85
C GLU A 341 -1.48 24.00 -26.59
N PHE A 342 -2.72 23.55 -26.58
CA PHE A 342 -3.05 22.26 -27.26
C PHE A 342 -3.17 22.41 -28.77
N ALA A 343 -3.01 23.64 -29.29
CA ALA A 343 -3.02 23.92 -30.75
C ALA A 343 -2.20 22.84 -31.46
N GLY A 344 -2.85 22.13 -32.38
CA GLY A 344 -2.22 21.12 -33.25
C GLY A 344 -1.84 19.86 -32.51
N CYS A 345 -1.96 19.83 -31.19
CA CYS A 345 -1.53 18.61 -30.46
C CYS A 345 -2.36 17.43 -30.93
N LYS A 346 -1.71 16.33 -31.28
CA LYS A 346 -2.42 15.11 -31.75
C LYS A 346 -2.38 14.12 -30.60
N LYS A 347 -1.62 14.47 -29.58
CA LYS A 347 -1.46 13.66 -28.33
C LYS A 347 -0.96 14.57 -27.21
N ILE A 348 -1.70 14.64 -26.09
CA ILE A 348 -1.32 15.40 -24.87
C ILE A 348 -0.70 14.42 -23.86
N PHE A 349 0.54 14.69 -23.43
CA PHE A 349 1.26 13.98 -22.34
C PHE A 349 0.90 14.63 -21.02
N GLY A 350 -0.19 14.16 -20.40
CA GLY A 350 -0.76 14.72 -19.17
C GLY A 350 -2.26 14.46 -19.12
N SER A 351 -2.95 15.13 -18.18
CA SER A 351 -4.41 14.98 -17.96
C SER A 351 -5.13 16.24 -18.44
N LEU A 352 -6.37 16.06 -18.93
CA LEU A 352 -7.30 17.15 -19.32
C LEU A 352 -8.49 17.14 -18.35
N ALA A 353 -8.60 18.21 -17.55
CA ALA A 353 -9.60 18.39 -16.48
C ALA A 353 -10.36 19.70 -16.73
N PHE A 354 -11.65 19.59 -17.04
CA PHE A 354 -12.58 20.72 -17.28
C PHE A 354 -13.45 20.92 -16.03
N LEU A 355 -13.35 22.13 -15.44
CA LEU A 355 -13.98 22.52 -14.16
C LEU A 355 -14.88 23.73 -14.38
N PRO A 356 -15.93 23.94 -13.56
CA PRO A 356 -16.71 25.17 -13.58
C PRO A 356 -15.87 26.44 -13.78
N GLU A 357 -14.83 26.62 -12.96
CA GLU A 357 -13.89 27.77 -13.00
C GLU A 357 -13.34 27.98 -14.41
N SER A 358 -13.24 26.93 -15.22
CA SER A 358 -12.78 26.97 -16.64
C SER A 358 -13.64 27.98 -17.42
N PHE A 359 -14.93 27.65 -17.63
CA PHE A 359 -15.86 28.39 -18.52
C PHE A 359 -16.36 29.66 -17.82
N ASP A 360 -16.45 29.64 -16.49
CA ASP A 360 -16.80 30.83 -15.66
C ASP A 360 -15.62 31.82 -15.67
N GLY A 361 -14.38 31.32 -15.66
CA GLY A 361 -13.16 32.14 -15.52
C GLY A 361 -13.06 32.74 -14.12
N ASP A 362 -11.93 33.39 -13.81
CA ASP A 362 -11.69 34.05 -12.50
C ASP A 362 -11.25 35.49 -12.73
N PRO A 363 -12.01 36.50 -12.22
CA PRO A 363 -11.63 37.90 -12.37
C PRO A 363 -10.51 38.33 -11.41
N ALA A 364 -10.26 37.55 -10.33
CA ALA A 364 -9.22 37.80 -9.31
C ALA A 364 -7.83 37.62 -9.92
N SER A 365 -7.69 36.70 -10.88
CA SER A 365 -6.47 36.51 -11.71
C SER A 365 -6.58 37.31 -13.00
N ASN A 366 -7.82 37.59 -13.44
CA ASN A 366 -8.17 38.34 -14.67
C ASN A 366 -8.11 37.36 -15.86
N THR A 367 -8.19 36.06 -15.58
CA THR A 367 -8.38 34.98 -16.59
C THR A 367 -9.85 34.98 -17.02
N ALA A 368 -10.13 35.51 -18.21
CA ALA A 368 -11.49 35.65 -18.79
C ALA A 368 -12.14 34.28 -18.92
N PRO A 369 -13.48 34.21 -19.12
CA PRO A 369 -14.16 32.95 -19.42
C PRO A 369 -13.61 32.26 -20.67
N LEU A 370 -13.91 30.97 -20.83
CA LEU A 370 -13.51 30.15 -21.99
C LEU A 370 -14.72 29.98 -22.91
N GLN A 371 -14.67 30.51 -24.15
CA GLN A 371 -15.79 30.43 -25.12
C GLN A 371 -15.82 29.04 -25.73
N PRO A 372 -17.00 28.53 -26.13
CA PRO A 372 -17.13 27.16 -26.66
C PRO A 372 -16.38 26.86 -27.97
N GLU A 373 -15.99 27.92 -28.71
CA GLU A 373 -15.29 27.81 -30.02
C GLU A 373 -13.81 27.48 -29.79
N GLN A 374 -13.26 27.86 -28.61
CA GLN A 374 -11.84 27.61 -28.24
C GLN A 374 -11.59 26.11 -28.07
N LEU A 375 -12.62 25.33 -27.76
CA LEU A 375 -12.54 23.85 -27.60
C LEU A 375 -12.25 23.20 -28.96
N GLN A 376 -12.50 23.90 -30.07
CA GLN A 376 -12.23 23.41 -31.45
C GLN A 376 -10.78 22.92 -31.55
N VAL A 377 -9.87 23.61 -30.85
CA VAL A 377 -8.41 23.28 -30.77
C VAL A 377 -8.23 21.76 -30.70
N PHE A 378 -8.99 21.08 -29.83
CA PHE A 378 -8.84 19.64 -29.51
C PHE A 378 -9.32 18.77 -30.69
N GLU A 379 -9.77 19.36 -31.80
CA GLU A 379 -10.17 18.59 -33.02
C GLU A 379 -8.98 17.74 -33.48
N THR A 380 -7.76 18.24 -33.27
CA THR A 380 -6.48 17.61 -33.71
C THR A 380 -6.23 16.35 -32.88
N LEU A 381 -6.55 16.42 -31.58
CA LEU A 381 -6.09 15.54 -30.47
C LEU A 381 -6.68 14.12 -30.59
N GLU A 382 -5.82 13.10 -30.45
CA GLU A 382 -6.13 11.67 -30.77
C GLU A 382 -5.82 10.73 -29.61
N GLU A 383 -4.99 11.12 -28.63
CA GLU A 383 -4.64 10.26 -27.45
C GLU A 383 -4.31 11.13 -26.23
N ILE A 384 -4.70 10.66 -25.03
CA ILE A 384 -4.39 11.32 -23.73
C ILE A 384 -3.73 10.29 -22.81
N THR A 385 -2.50 10.55 -22.40
CA THR A 385 -1.72 9.64 -21.53
C THR A 385 -2.37 9.56 -20.15
N GLY A 386 -2.89 10.68 -19.67
CA GLY A 386 -3.45 10.70 -18.31
C GLY A 386 -4.93 10.40 -18.30
N TYR A 387 -5.75 11.41 -18.01
CA TYR A 387 -7.22 11.16 -17.93
C TYR A 387 -8.00 12.39 -18.40
N LEU A 388 -9.26 12.15 -18.77
CA LEU A 388 -10.25 13.21 -19.16
C LEU A 388 -11.30 13.35 -18.05
N TYR A 389 -11.35 14.53 -17.41
CA TYR A 389 -12.30 14.86 -16.31
C TYR A 389 -13.12 16.08 -16.71
N ILE A 390 -14.44 15.97 -16.62
CA ILE A 390 -15.43 17.01 -17.06
C ILE A 390 -16.54 17.10 -16.00
N SER A 391 -16.50 18.14 -15.16
CA SER A 391 -17.57 18.54 -14.22
C SER A 391 -18.16 19.88 -14.66
N ALA A 392 -17.91 20.27 -15.92
CA ALA A 392 -18.39 21.52 -16.55
C ALA A 392 -18.30 21.38 -18.07
N TRP A 393 -19.06 22.20 -18.80
CA TRP A 393 -19.20 22.18 -20.29
C TRP A 393 -20.05 23.39 -20.67
N PRO A 394 -20.03 23.86 -21.94
CA PRO A 394 -21.00 24.84 -22.38
C PRO A 394 -22.34 24.17 -22.73
N ASP A 395 -23.44 24.61 -22.09
CA ASP A 395 -24.81 24.07 -22.33
C ASP A 395 -25.17 24.25 -23.81
N SER A 396 -24.51 25.21 -24.48
CA SER A 396 -24.48 25.41 -25.95
C SER A 396 -24.30 24.07 -26.69
N LEU A 397 -23.30 23.27 -26.28
CA LEU A 397 -22.90 22.03 -26.99
C LEU A 397 -23.69 20.84 -26.43
N PRO A 398 -24.33 20.01 -27.29
CA PRO A 398 -25.11 18.87 -26.83
C PRO A 398 -24.26 17.66 -26.43
N ASP A 399 -23.00 17.63 -26.90
CA ASP A 399 -22.16 16.41 -26.86
C ASP A 399 -20.68 16.77 -26.87
N LEU A 400 -19.84 15.74 -26.81
CA LEU A 400 -18.37 15.83 -26.93
C LEU A 400 -17.97 15.54 -28.38
N SER A 401 -18.01 16.59 -29.22
CA SER A 401 -17.62 16.58 -30.65
C SER A 401 -16.14 16.91 -30.79
N VAL A 402 -15.65 17.90 -30.04
CA VAL A 402 -14.22 18.34 -30.03
C VAL A 402 -13.31 17.16 -29.70
N PHE A 403 -13.84 16.09 -29.10
CA PHE A 403 -13.10 14.84 -28.77
C PHE A 403 -13.63 13.68 -29.61
N GLN A 404 -14.22 13.96 -30.76
CA GLN A 404 -14.70 12.90 -31.71
C GLN A 404 -13.46 12.20 -32.29
N ASN A 405 -12.31 12.88 -32.22
CA ASN A 405 -11.00 12.45 -32.80
C ASN A 405 -10.26 11.55 -31.79
N LEU A 406 -10.56 11.70 -30.49
CA LEU A 406 -9.88 10.99 -29.38
C LEU A 406 -10.05 9.47 -29.51
N GLN A 407 -8.97 8.78 -29.92
CA GLN A 407 -8.95 7.32 -30.20
C GLN A 407 -8.79 6.51 -28.92
N VAL A 408 -8.11 7.06 -27.89
CA VAL A 408 -7.73 6.30 -26.66
C VAL A 408 -7.33 7.25 -25.54
N ILE A 409 -7.85 7.01 -24.32
CA ILE A 409 -7.38 7.61 -23.03
C ILE A 409 -6.63 6.52 -22.25
N ARG A 410 -5.30 6.66 -22.14
CA ARG A 410 -4.40 5.69 -21.46
C ARG A 410 -4.79 5.58 -19.98
N GLY A 411 -4.98 6.72 -19.31
CA GLY A 411 -5.25 6.77 -17.86
C GLY A 411 -4.07 6.29 -17.05
N ARG A 412 -2.84 6.57 -17.50
CA ARG A 412 -1.60 6.26 -16.75
C ARG A 412 -1.61 7.10 -15.48
N ILE A 413 -2.09 8.34 -15.59
CA ILE A 413 -2.54 9.18 -14.46
C ILE A 413 -4.07 9.15 -14.49
N LEU A 414 -4.70 8.66 -13.41
CA LEU A 414 -6.18 8.63 -13.22
C LEU A 414 -6.57 9.75 -12.28
N HIS A 415 -7.81 10.25 -12.37
CA HIS A 415 -8.35 11.30 -11.45
C HIS A 415 -8.73 10.63 -10.12
N ASN A 416 -8.26 11.22 -9.01
CA ASN A 416 -8.42 10.67 -7.64
C ASN A 416 -7.84 9.24 -7.59
N GLY A 417 -7.05 8.86 -8.60
CA GLY A 417 -6.29 7.59 -8.65
C GLY A 417 -7.13 6.41 -9.09
N ALA A 418 -8.40 6.64 -9.46
CA ALA A 418 -9.36 5.56 -9.77
C ALA A 418 -9.92 5.67 -11.19
N TYR A 419 -10.31 6.89 -11.60
CA TYR A 419 -11.18 7.13 -12.78
C TYR A 419 -10.35 7.67 -13.95
N SER A 420 -10.33 6.89 -15.04
CA SER A 420 -9.90 7.33 -16.39
C SER A 420 -10.83 8.46 -16.84
N LEU A 421 -12.10 8.14 -17.10
CA LEU A 421 -13.12 9.02 -17.73
C LEU A 421 -14.16 9.45 -16.69
N THR A 422 -14.22 10.76 -16.40
CA THR A 422 -15.12 11.36 -15.39
C THR A 422 -16.01 12.42 -16.04
N LEU A 423 -17.33 12.20 -16.04
CA LEU A 423 -18.37 13.11 -16.58
C LEU A 423 -19.46 13.28 -15.53
N GLN A 424 -19.52 14.46 -14.88
CA GLN A 424 -20.49 14.73 -13.81
C GLN A 424 -21.08 16.14 -13.97
N GLY A 425 -22.39 16.27 -13.80
CA GLY A 425 -23.09 17.57 -13.68
C GLY A 425 -23.05 18.37 -14.97
N LEU A 426 -23.36 17.70 -16.09
CA LEU A 426 -23.27 18.29 -17.44
C LEU A 426 -24.65 18.33 -18.10
N GLY A 427 -25.02 19.49 -18.65
CA GLY A 427 -26.18 19.67 -19.56
C GLY A 427 -25.79 19.38 -20.99
N ILE A 428 -25.73 18.09 -21.34
CA ILE A 428 -25.36 17.58 -22.70
C ILE A 428 -26.28 16.40 -23.02
N SER A 429 -26.68 16.28 -24.28
CA SER A 429 -27.67 15.28 -24.79
C SER A 429 -27.02 13.90 -24.93
N TRP A 430 -25.79 13.84 -25.47
CA TRP A 430 -25.04 12.56 -25.64
C TRP A 430 -23.53 12.80 -25.67
N LEU A 431 -22.75 11.80 -26.09
CA LEU A 431 -21.26 11.77 -25.97
C LEU A 431 -20.60 12.10 -27.33
N GLY A 432 -20.66 11.16 -28.28
CA GLY A 432 -20.17 11.33 -29.67
C GLY A 432 -18.67 11.13 -29.80
N LEU A 433 -18.05 10.34 -28.92
CA LEU A 433 -16.60 10.04 -28.97
C LEU A 433 -16.37 8.91 -29.97
N ARG A 434 -16.89 9.05 -31.20
CA ARG A 434 -17.03 7.93 -32.18
C ARG A 434 -15.70 7.15 -32.28
N SER A 435 -14.56 7.84 -32.15
CA SER A 435 -13.19 7.29 -32.34
C SER A 435 -12.75 6.49 -31.10
N LEU A 436 -13.28 6.82 -29.91
CA LEU A 436 -12.82 6.25 -28.61
C LEU A 436 -12.96 4.73 -28.61
N ARG A 437 -11.86 4.02 -28.88
CA ARG A 437 -11.81 2.56 -29.11
C ARG A 437 -11.32 1.84 -27.85
N GLU A 438 -10.60 2.52 -26.94
CA GLU A 438 -10.17 1.92 -25.64
C GLU A 438 -9.85 2.97 -24.56
N LEU A 439 -9.89 2.49 -23.31
CA LEU A 439 -9.52 3.19 -22.05
C LEU A 439 -8.43 2.33 -21.42
N GLY A 440 -7.19 2.82 -21.37
CA GLY A 440 -6.08 1.96 -20.92
C GLY A 440 -6.18 1.45 -19.50
N SER A 441 -6.49 2.29 -18.53
CA SER A 441 -6.51 1.79 -17.13
C SER A 441 -7.36 2.73 -16.28
N GLY A 442 -8.07 2.20 -15.29
CA GLY A 442 -9.00 3.00 -14.47
C GLY A 442 -10.45 2.81 -14.86
N LEU A 443 -11.36 3.43 -14.11
CA LEU A 443 -12.84 3.25 -14.21
C LEU A 443 -13.49 4.50 -14.79
N ALA A 444 -14.66 4.32 -15.41
CA ALA A 444 -15.47 5.36 -16.07
C ALA A 444 -16.58 5.84 -15.10
N LEU A 445 -16.53 7.11 -14.68
CA LEU A 445 -17.53 7.72 -13.76
C LEU A 445 -18.39 8.73 -14.52
N ILE A 446 -19.54 8.29 -15.03
CA ILE A 446 -20.57 9.16 -15.68
C ILE A 446 -21.79 9.23 -14.75
N HIS A 447 -22.07 10.40 -14.15
CA HIS A 447 -23.23 10.56 -13.21
C HIS A 447 -23.76 11.99 -13.21
N HIS A 448 -24.97 12.16 -12.67
CA HIS A 448 -25.69 13.43 -12.42
C HIS A 448 -25.66 14.30 -13.69
N ASN A 449 -25.84 13.66 -14.85
CA ASN A 449 -25.94 14.29 -16.18
C ASN A 449 -27.40 14.18 -16.64
N THR A 450 -28.19 15.23 -16.38
CA THR A 450 -29.68 15.24 -16.49
C THR A 450 -30.13 14.63 -17.82
N HIS A 451 -29.56 15.10 -18.94
CA HIS A 451 -30.12 14.93 -20.32
C HIS A 451 -29.45 13.79 -21.08
N LEU A 452 -28.47 13.11 -20.48
CA LEU A 452 -27.55 12.19 -21.21
C LEU A 452 -28.29 10.92 -21.64
N CYS A 453 -28.37 10.66 -22.94
CA CYS A 453 -28.84 9.40 -23.54
C CYS A 453 -27.65 8.69 -24.18
N PHE A 454 -27.93 7.63 -24.95
CA PHE A 454 -26.98 6.86 -25.80
C PHE A 454 -25.82 6.36 -24.92
N VAL A 455 -26.11 6.08 -23.65
CA VAL A 455 -25.11 5.65 -22.63
C VAL A 455 -25.00 4.12 -22.70
N HIS A 456 -26.14 3.42 -22.59
CA HIS A 456 -26.22 1.93 -22.65
C HIS A 456 -25.97 1.45 -24.09
N THR A 457 -25.91 2.39 -25.05
CA THR A 457 -25.68 2.11 -26.50
C THR A 457 -24.19 1.91 -26.77
N VAL A 458 -23.30 2.52 -25.96
CA VAL A 458 -21.82 2.39 -26.06
C VAL A 458 -21.42 1.03 -25.48
N PRO A 459 -20.65 0.18 -26.20
CA PRO A 459 -20.23 -1.10 -25.67
C PRO A 459 -18.96 -0.94 -24.84
N TRP A 460 -19.11 -0.52 -23.58
CA TRP A 460 -17.97 -0.17 -22.69
C TRP A 460 -17.18 -1.44 -22.35
N ASP A 461 -17.82 -2.61 -22.43
CA ASP A 461 -17.17 -3.93 -22.27
C ASP A 461 -16.00 -4.06 -23.25
N GLN A 462 -15.99 -3.30 -24.36
CA GLN A 462 -14.98 -3.37 -25.44
C GLN A 462 -14.00 -2.19 -25.37
N LEU A 463 -14.22 -1.23 -24.47
CA LEU A 463 -13.31 -0.06 -24.23
C LEU A 463 -12.39 -0.35 -23.04
N PHE A 464 -12.67 -1.38 -22.24
CA PHE A 464 -11.90 -1.73 -21.02
C PHE A 464 -10.93 -2.87 -21.34
N ARG A 465 -9.86 -2.99 -20.54
CA ARG A 465 -8.70 -3.88 -20.83
C ARG A 465 -8.41 -4.83 -19.65
N ASN A 466 -8.60 -4.39 -18.40
CA ASN A 466 -8.45 -5.23 -17.18
C ASN A 466 -9.78 -5.29 -16.44
N PRO A 467 -10.08 -6.41 -15.71
CA PRO A 467 -11.38 -6.58 -15.07
C PRO A 467 -11.65 -5.62 -13.90
N HIS A 468 -10.61 -5.02 -13.32
CA HIS A 468 -10.72 -4.01 -12.23
C HIS A 468 -11.43 -2.74 -12.75
N GLN A 469 -11.76 -2.71 -14.04
CA GLN A 469 -12.41 -1.55 -14.72
C GLN A 469 -13.92 -1.79 -14.81
N ALA A 470 -14.70 -0.70 -14.86
CA ALA A 470 -16.12 -0.68 -15.30
C ALA A 470 -16.59 0.78 -15.42
N LEU A 471 -17.82 0.96 -15.91
CA LEU A 471 -18.55 2.26 -15.91
C LEU A 471 -19.43 2.30 -14.66
N LEU A 472 -19.47 3.44 -13.95
CA LEU A 472 -20.34 3.68 -12.78
C LEU A 472 -21.24 4.88 -13.07
N HIS A 473 -22.52 4.62 -13.34
CA HIS A 473 -23.54 5.61 -13.80
C HIS A 473 -24.70 5.70 -12.80
N THR A 474 -25.30 6.88 -12.70
CA THR A 474 -26.42 7.21 -11.75
C THR A 474 -26.84 8.66 -11.99
N ALA A 475 -28.09 9.00 -11.66
CA ALA A 475 -28.64 10.38 -11.71
C ALA A 475 -28.53 10.96 -13.13
N ASN A 476 -28.58 10.08 -14.14
CA ASN A 476 -28.57 10.47 -15.58
C ASN A 476 -30.02 10.69 -16.02
N ARG A 477 -30.28 10.68 -17.34
CA ARG A 477 -31.64 10.56 -17.92
C ARG A 477 -31.94 9.08 -18.07
N PRO A 478 -33.14 8.60 -17.66
CA PRO A 478 -33.48 7.18 -17.75
C PRO A 478 -33.60 6.76 -19.21
N GLU A 479 -33.03 5.61 -19.58
CA GLU A 479 -33.07 5.07 -20.97
C GLU A 479 -34.52 4.86 -21.40
N ASP A 480 -35.38 4.46 -20.46
CA ASP A 480 -36.86 4.37 -20.62
C ASP A 480 -37.37 5.62 -21.35
N GLU A 481 -36.86 6.80 -20.93
CA GLU A 481 -37.25 8.14 -21.48
C GLU A 481 -36.65 8.32 -22.88
N CYS A 482 -35.38 7.92 -23.08
CA CYS A 482 -34.65 8.02 -24.37
C CYS A 482 -35.43 7.29 -25.46
N VAL A 483 -35.66 5.98 -25.28
CA VAL A 483 -36.44 5.11 -26.23
C VAL A 483 -37.80 5.76 -26.50
N GLY A 484 -38.46 6.27 -25.46
CA GLY A 484 -39.78 6.93 -25.54
C GLY A 484 -39.76 8.19 -26.37
N GLU A 485 -38.69 9.00 -26.24
CA GLU A 485 -38.48 10.24 -27.03
C GLU A 485 -37.73 9.92 -28.34
N GLY A 486 -37.64 8.64 -28.71
CA GLY A 486 -37.14 8.17 -30.01
C GLY A 486 -35.63 8.22 -30.15
N LEU A 487 -34.89 8.52 -29.07
CA LEU A 487 -33.41 8.67 -29.06
C LEU A 487 -32.76 7.28 -28.92
N ALA A 488 -32.48 6.61 -30.04
CA ALA A 488 -31.83 5.28 -30.10
C ALA A 488 -30.88 5.23 -31.30
N CYS A 489 -30.17 4.12 -31.48
CA CYS A 489 -29.13 3.94 -32.53
C CYS A 489 -29.78 3.78 -33.90
N HIS A 490 -29.29 4.51 -34.91
CA HIS A 490 -29.69 4.39 -36.33
C HIS A 490 -29.57 2.92 -36.77
N GLN A 491 -30.36 2.52 -37.79
CA GLN A 491 -30.49 1.11 -38.24
C GLN A 491 -29.26 0.66 -39.04
N LEU A 492 -28.29 1.57 -39.28
CA LEU A 492 -27.03 1.29 -40.01
C LEU A 492 -25.84 1.21 -39.03
N CYS A 493 -26.11 1.08 -37.73
CA CYS A 493 -25.09 0.88 -36.66
C CYS A 493 -25.20 -0.57 -36.13
N ALA A 494 -24.17 -1.40 -36.40
CA ALA A 494 -24.14 -2.86 -36.15
C ALA A 494 -24.40 -3.16 -34.66
N ARG A 495 -25.37 -4.03 -34.38
CA ARG A 495 -25.80 -4.44 -33.02
C ARG A 495 -26.19 -3.18 -32.21
N GLY A 496 -26.72 -2.16 -32.90
CA GLY A 496 -27.19 -0.88 -32.31
C GLY A 496 -26.18 -0.27 -31.35
N HIS A 497 -24.89 -0.51 -31.57
CA HIS A 497 -23.77 0.14 -30.84
C HIS A 497 -23.48 1.49 -31.51
N CYS A 498 -23.75 2.60 -30.82
CA CYS A 498 -23.59 3.98 -31.34
C CYS A 498 -23.36 4.97 -30.19
N TRP A 499 -22.80 6.13 -30.52
CA TRP A 499 -22.35 7.16 -29.54
C TRP A 499 -23.37 8.30 -29.43
N GLY A 500 -24.43 8.25 -30.25
CA GLY A 500 -25.40 9.35 -30.37
C GLY A 500 -26.42 9.10 -31.47
N PRO A 501 -27.22 10.14 -31.84
CA PRO A 501 -28.23 10.02 -32.89
C PRO A 501 -27.62 10.00 -34.29
N GLY A 502 -28.10 9.08 -35.14
CA GLY A 502 -27.88 9.12 -36.60
C GLY A 502 -26.74 8.20 -37.04
N PRO A 503 -26.49 8.09 -38.37
CA PRO A 503 -25.45 7.21 -38.91
C PRO A 503 -24.04 7.82 -38.80
N THR A 504 -23.95 9.03 -38.24
CA THR A 504 -22.68 9.80 -38.02
C THR A 504 -22.06 9.42 -36.66
N GLN A 505 -22.51 8.32 -36.04
CA GLN A 505 -22.11 7.93 -34.66
C GLN A 505 -21.84 6.43 -34.53
N CYS A 506 -22.29 5.61 -35.48
CA CYS A 506 -22.20 4.13 -35.42
C CYS A 506 -20.76 3.71 -35.09
N VAL A 507 -20.58 2.60 -34.37
CA VAL A 507 -19.26 2.01 -34.02
C VAL A 507 -18.73 1.24 -35.24
N ASN A 508 -19.37 0.10 -35.55
CA ASN A 508 -19.17 -0.68 -36.79
C ASN A 508 -20.39 -0.45 -37.67
N CYS A 509 -20.20 0.02 -38.91
CA CYS A 509 -21.29 0.30 -39.89
C CYS A 509 -21.87 -1.02 -40.42
N SER A 510 -23.20 -1.11 -40.49
CA SER A 510 -23.97 -2.29 -40.98
C SER A 510 -23.65 -2.54 -42.46
N GLN A 511 -23.40 -1.47 -43.23
CA GLN A 511 -22.95 -1.50 -44.65
C GLN A 511 -21.87 -0.43 -44.86
N PHE A 512 -21.33 -0.34 -46.09
CA PHE A 512 -20.03 0.32 -46.41
C PHE A 512 -20.05 1.81 -46.03
N LEU A 513 -18.83 2.34 -45.88
CA LEU A 513 -18.51 3.71 -45.41
C LEU A 513 -19.03 4.78 -46.38
N ARG A 514 -18.99 6.02 -45.94
CA ARG A 514 -19.28 7.23 -46.75
C ARG A 514 -18.53 8.32 -46.01
N GLY A 515 -17.26 8.05 -45.75
CA GLY A 515 -16.45 8.98 -44.95
C GLY A 515 -17.13 9.16 -43.61
N GLN A 516 -17.33 10.41 -43.20
CA GLN A 516 -17.98 10.75 -41.91
C GLN A 516 -19.26 9.94 -41.74
N GLU A 517 -20.20 10.10 -42.66
CA GLU A 517 -21.56 9.50 -42.57
C GLU A 517 -21.48 8.01 -42.95
N CYS A 518 -22.52 7.25 -42.58
CA CYS A 518 -22.77 5.84 -42.99
C CYS A 518 -23.89 5.81 -44.03
N VAL A 519 -23.87 4.82 -44.93
CA VAL A 519 -24.91 4.62 -45.99
C VAL A 519 -25.12 3.13 -46.22
N GLN B 3 19.54 -23.61 20.44
CA GLN B 3 18.25 -23.34 21.12
C GLN B 3 18.50 -23.41 22.63
N LEU B 4 18.53 -22.25 23.30
CA LEU B 4 18.81 -22.15 24.76
C LEU B 4 17.51 -22.22 25.57
N GLN B 5 17.48 -23.08 26.59
CA GLN B 5 16.31 -23.27 27.49
C GLN B 5 16.78 -23.16 28.94
N GLU B 6 15.91 -22.64 29.81
CA GLU B 6 16.18 -22.44 31.26
C GLU B 6 15.44 -23.52 32.05
N SER B 7 16.09 -24.03 33.09
CA SER B 7 15.50 -25.08 33.96
C SER B 7 15.90 -24.81 35.41
N GLY B 8 15.23 -25.46 36.38
CA GLY B 8 15.62 -25.25 37.78
C GLY B 8 14.71 -24.35 38.60
N GLY B 9 13.52 -24.00 38.13
CA GLY B 9 12.66 -23.13 38.96
C GLY B 9 11.78 -23.92 39.91
N GLY B 10 11.10 -23.25 40.83
CA GLY B 10 10.17 -23.87 41.79
C GLY B 10 9.88 -23.02 43.00
N SER B 11 8.74 -23.27 43.66
CA SER B 11 8.37 -22.72 44.99
C SER B 11 9.28 -23.36 46.06
N VAL B 12 9.88 -22.52 46.89
CA VAL B 12 10.78 -22.99 47.98
C VAL B 12 10.67 -22.01 49.14
N GLN B 13 10.88 -22.48 50.37
CA GLN B 13 10.87 -21.56 51.54
C GLN B 13 12.15 -20.75 51.46
N ALA B 14 12.14 -19.50 51.94
CA ALA B 14 13.35 -18.68 51.86
C ALA B 14 14.45 -19.26 52.75
N GLY B 15 15.71 -19.07 52.34
CA GLY B 15 16.88 -19.59 53.05
C GLY B 15 17.31 -20.93 52.50
N GLU B 16 16.53 -21.47 51.56
CA GLU B 16 16.86 -22.77 50.91
C GLU B 16 17.71 -22.52 49.67
N THR B 17 17.95 -23.55 48.87
CA THR B 17 18.78 -23.32 47.67
C THR B 17 18.13 -23.90 46.41
N LEU B 18 18.50 -23.35 45.26
CA LEU B 18 18.08 -23.81 43.91
C LEU B 18 19.30 -23.76 42.97
N ARG B 19 19.41 -24.74 42.08
CA ARG B 19 20.42 -24.77 40.97
C ARG B 19 19.69 -24.51 39.66
N LEU B 20 20.14 -23.50 38.91
CA LEU B 20 19.55 -23.10 37.60
C LEU B 20 20.46 -23.59 36.47
N SER B 21 19.87 -24.17 35.42
CA SER B 21 20.57 -24.73 34.23
C SER B 21 20.12 -23.98 32.97
N CYS B 22 21.10 -23.45 32.22
CA CYS B 22 20.96 -22.75 30.92
C CYS B 22 21.44 -23.69 29.81
N THR B 23 20.57 -24.62 29.41
CA THR B 23 20.92 -25.67 28.42
C THR B 23 20.82 -25.14 26.99
N ALA B 24 21.59 -25.75 26.08
CA ALA B 24 21.64 -25.34 24.65
C ALA B 24 21.42 -26.55 23.75
N SER B 25 21.07 -26.31 22.49
CA SER B 25 20.86 -27.39 21.49
C SER B 25 21.65 -27.04 20.24
N GLY B 26 22.97 -27.08 20.36
CA GLY B 26 23.97 -26.70 19.34
C GLY B 26 25.02 -25.89 20.09
N PHE B 27 25.60 -24.89 19.44
CA PHE B 27 26.49 -23.85 20.03
C PHE B 27 27.81 -24.32 20.61
N THR B 28 28.51 -23.31 21.14
CA THR B 28 29.74 -23.32 21.97
C THR B 28 29.76 -21.93 22.63
N PHE B 29 29.96 -21.85 23.95
CA PHE B 29 29.91 -20.51 24.59
C PHE B 29 31.32 -19.89 24.64
N ASP B 30 32.28 -20.61 24.07
CA ASP B 30 33.71 -20.23 23.98
C ASP B 30 33.81 -18.88 23.28
N ASP B 31 34.69 -18.00 23.78
CA ASP B 31 34.90 -16.61 23.27
C ASP B 31 33.55 -15.90 23.10
N SER B 32 32.64 -16.07 24.06
CA SER B 32 31.31 -15.40 24.09
C SER B 32 30.69 -15.50 25.50
N ASP B 33 31.19 -14.67 26.42
CA ASP B 33 30.83 -14.67 27.86
C ASP B 33 29.30 -14.66 28.02
N MET B 34 28.77 -15.61 28.80
CA MET B 34 27.32 -15.77 29.08
C MET B 34 26.93 -14.95 30.31
N GLY B 35 25.62 -14.83 30.59
CA GLY B 35 25.09 -14.10 31.75
C GLY B 35 23.63 -14.45 32.03
N TRP B 36 23.29 -14.64 33.30
CA TRP B 36 21.89 -14.78 33.81
C TRP B 36 21.31 -13.40 34.09
N TYR B 37 20.06 -13.18 33.69
CA TYR B 37 19.25 -11.96 34.01
C TYR B 37 18.03 -12.41 34.81
N ARG B 38 17.34 -11.48 35.47
CA ARG B 38 16.10 -11.76 36.24
C ARG B 38 15.20 -10.52 36.27
N GLN B 39 13.89 -10.74 36.21
CA GLN B 39 12.84 -9.68 36.22
C GLN B 39 11.77 -10.04 37.25
N ALA B 40 11.74 -9.31 38.37
CA ALA B 40 10.73 -9.44 39.45
C ALA B 40 9.44 -8.77 38.98
N PRO B 41 8.26 -9.27 39.42
CA PRO B 41 6.98 -8.68 39.01
C PRO B 41 6.91 -7.16 39.16
N GLY B 42 6.71 -6.45 38.04
CA GLY B 42 6.59 -4.98 37.99
C GLY B 42 7.83 -4.28 38.49
N ASN B 43 9.00 -4.89 38.31
CA ASN B 43 10.34 -4.30 38.62
C ASN B 43 11.22 -4.43 37.38
N GLU B 44 12.28 -3.63 37.31
CA GLU B 44 13.17 -3.52 36.12
C GLU B 44 13.95 -4.84 35.96
N CYS B 45 14.28 -5.18 34.72
CA CYS B 45 15.19 -6.30 34.34
C CYS B 45 16.57 -6.02 34.94
N GLU B 46 17.18 -7.00 35.61
CA GLU B 46 18.50 -6.88 36.29
C GLU B 46 19.41 -8.03 35.84
N LEU B 47 20.70 -7.73 35.62
CA LEU B 47 21.79 -8.70 35.34
C LEU B 47 22.36 -9.19 36.68
N VAL B 48 21.95 -10.39 37.11
CA VAL B 48 22.25 -10.97 38.45
C VAL B 48 23.70 -11.48 38.47
N SER B 49 24.14 -12.19 37.44
CA SER B 49 25.52 -12.74 37.35
C SER B 49 25.91 -12.99 35.89
N SER B 50 27.22 -12.98 35.60
CA SER B 50 27.81 -13.23 34.25
C SER B 50 29.22 -13.80 34.39
N ILE B 51 29.57 -14.79 33.56
CA ILE B 51 30.90 -15.47 33.55
C ILE B 51 31.56 -15.19 32.21
N SER B 52 32.89 -15.04 32.20
CA SER B 52 33.73 -14.79 30.99
C SER B 52 33.99 -16.12 30.25
N SER B 53 34.60 -16.05 29.07
CA SER B 53 35.05 -17.24 28.29
C SER B 53 36.18 -17.96 29.03
N ASP B 54 36.85 -17.28 29.97
CA ASP B 54 38.04 -17.75 30.72
C ASP B 54 37.67 -18.14 32.15
N GLY B 55 36.42 -17.89 32.59
CA GLY B 55 35.90 -18.32 33.90
C GLY B 55 36.06 -17.26 34.98
N SER B 56 36.25 -15.98 34.59
CA SER B 56 36.33 -14.79 35.49
C SER B 56 34.91 -14.28 35.77
N THR B 57 34.32 -14.72 36.90
CA THR B 57 32.89 -14.49 37.23
C THR B 57 32.67 -13.04 37.70
N TYR B 58 31.46 -12.52 37.48
CA TYR B 58 30.92 -11.23 38.01
C TYR B 58 29.55 -11.50 38.65
N TYR B 59 29.17 -10.66 39.61
CA TYR B 59 27.84 -10.71 40.28
C TYR B 59 27.36 -9.28 40.59
N ALA B 60 26.13 -9.14 41.09
CA ALA B 60 25.57 -7.91 41.69
C ALA B 60 25.68 -8.00 43.22
N ASP B 61 25.45 -6.87 43.90
CA ASP B 61 25.75 -6.69 45.35
C ASP B 61 24.78 -7.52 46.20
N SER B 62 23.59 -7.83 45.67
CA SER B 62 22.51 -8.55 46.40
C SER B 62 22.74 -10.07 46.35
N VAL B 63 23.57 -10.57 45.43
CA VAL B 63 23.69 -12.01 45.11
C VAL B 63 25.06 -12.58 45.52
N LYS B 64 26.12 -11.76 45.50
CA LYS B 64 27.51 -12.20 45.81
C LYS B 64 27.53 -12.95 47.15
N GLY B 65 28.27 -14.06 47.22
CA GLY B 65 28.42 -14.90 48.42
C GLY B 65 27.23 -15.82 48.66
N ARG B 66 26.24 -15.80 47.76
CA ARG B 66 25.00 -16.62 47.82
C ARG B 66 24.78 -17.33 46.48
N PHE B 67 25.06 -16.64 45.37
CA PHE B 67 24.92 -17.13 43.97
C PHE B 67 26.31 -17.35 43.37
N THR B 68 26.58 -18.57 42.88
CA THR B 68 27.82 -18.93 42.15
C THR B 68 27.44 -19.40 40.75
N ILE B 69 28.05 -18.79 39.73
CA ILE B 69 27.79 -19.06 38.29
C ILE B 69 28.99 -19.85 37.73
N SER B 70 28.76 -20.74 36.77
CA SER B 70 29.75 -21.74 36.29
C SER B 70 29.30 -22.32 34.95
N GLN B 71 30.17 -22.23 33.93
CA GLN B 71 29.93 -22.76 32.56
C GLN B 71 30.65 -24.11 32.43
N ASP B 72 29.90 -25.20 32.42
CA ASP B 72 30.39 -26.56 32.05
C ASP B 72 30.71 -26.55 30.55
N ASN B 73 31.87 -27.11 30.17
CA ASN B 73 32.36 -27.13 28.77
C ASN B 73 31.85 -28.42 28.09
N ALA B 74 31.99 -29.56 28.78
CA ALA B 74 31.69 -30.92 28.25
C ALA B 74 30.20 -31.05 27.90
N LYS B 75 29.32 -31.02 28.90
CA LYS B 75 27.84 -31.11 28.73
C LYS B 75 27.34 -29.88 27.95
N ASN B 76 28.11 -28.78 27.98
CA ASN B 76 27.84 -27.51 27.23
C ASN B 76 26.54 -26.90 27.74
N THR B 77 26.50 -26.62 29.04
CA THR B 77 25.36 -26.07 29.82
C THR B 77 25.94 -25.05 30.80
N VAL B 78 25.27 -23.91 31.01
CA VAL B 78 25.67 -22.92 32.04
C VAL B 78 24.79 -23.14 33.28
N TYR B 79 25.42 -23.26 34.45
CA TYR B 79 24.77 -23.49 35.76
C TYR B 79 24.80 -22.19 36.56
N LEU B 80 23.78 -21.95 37.39
CA LEU B 80 23.72 -20.87 38.41
C LEU B 80 23.20 -21.44 39.72
N GLN B 81 24.10 -21.62 40.71
CA GLN B 81 23.75 -22.15 42.06
C GLN B 81 23.33 -20.96 42.93
N MET B 82 22.09 -20.99 43.42
CA MET B 82 21.54 -19.89 44.23
C MET B 82 21.34 -20.37 45.67
N ASN B 83 22.27 -20.00 46.54
CA ASN B 83 22.20 -20.36 47.98
C ASN B 83 21.72 -19.14 48.77
N SER B 84 21.25 -19.36 49.99
CA SER B 84 20.77 -18.24 50.86
C SER B 84 19.72 -17.41 50.11
N LEU B 85 18.68 -18.09 49.63
CA LEU B 85 17.57 -17.42 48.91
C LEU B 85 16.73 -16.58 49.89
N LYS B 86 16.32 -15.40 49.43
CA LYS B 86 15.48 -14.41 50.14
C LYS B 86 14.27 -14.10 49.26
N PRO B 87 13.09 -13.75 49.81
CA PRO B 87 11.90 -13.49 49.00
C PRO B 87 12.11 -12.34 48.00
N GLU B 88 13.05 -11.44 48.28
CA GLU B 88 13.42 -10.28 47.41
C GLU B 88 13.98 -10.79 46.08
N ASP B 89 14.45 -12.04 46.04
CA ASP B 89 15.04 -12.70 44.83
C ASP B 89 13.95 -13.04 43.80
N THR B 90 12.79 -13.51 44.28
CA THR B 90 11.69 -14.13 43.49
C THR B 90 11.43 -13.32 42.22
N GLY B 91 11.12 -14.02 41.11
CA GLY B 91 10.95 -13.46 39.76
C GLY B 91 11.16 -14.54 38.71
N VAL B 92 11.52 -14.16 37.48
CA VAL B 92 11.85 -15.12 36.38
C VAL B 92 13.30 -14.85 35.95
N TYR B 93 14.10 -15.90 35.92
CA TYR B 93 15.55 -15.85 35.59
C TYR B 93 15.72 -16.34 34.15
N TYR B 94 16.25 -15.47 33.29
CA TYR B 94 16.60 -15.74 31.87
C TYR B 94 18.13 -15.74 31.74
N CYS B 95 18.70 -16.80 31.16
CA CYS B 95 20.11 -16.83 30.69
C CYS B 95 20.12 -16.32 29.25
N ALA B 96 21.20 -15.66 28.84
CA ALA B 96 21.39 -15.13 27.47
C ALA B 96 22.79 -14.51 27.31
N ALA B 97 23.51 -14.91 26.27
CA ALA B 97 24.84 -14.36 25.88
C ALA B 97 24.76 -12.84 25.88
N GLU B 98 25.61 -12.20 26.70
CA GLU B 98 25.81 -10.72 26.71
C GLU B 98 26.22 -10.26 25.30
N GLY B 99 26.89 -11.13 24.54
CA GLY B 99 27.17 -10.95 23.11
C GLY B 99 25.91 -10.72 22.29
N HIS B 100 25.07 -11.75 22.13
CA HIS B 100 23.78 -11.67 21.39
C HIS B 100 22.74 -10.98 22.28
N ARG B 101 22.84 -9.65 22.39
CA ARG B 101 21.95 -8.78 23.21
C ARG B 101 20.83 -8.22 22.33
N TYR B 102 19.62 -8.13 22.87
CA TYR B 102 18.36 -7.83 22.14
C TYR B 102 18.22 -6.32 22.00
N GLU B 103 17.00 -5.80 21.85
CA GLU B 103 16.73 -4.35 21.62
C GLU B 103 15.64 -3.86 22.58
N LEU B 104 14.51 -4.55 22.60
CA LEU B 104 13.36 -4.19 23.48
C LEU B 104 13.74 -4.48 24.93
N GLY B 105 14.92 -5.06 25.15
CA GLY B 105 15.36 -5.41 26.51
C GLY B 105 15.52 -6.91 26.62
N THR B 106 16.54 -7.36 27.33
CA THR B 106 16.86 -8.81 27.44
C THR B 106 15.67 -9.57 28.04
N CYS B 107 15.25 -9.21 29.25
CA CYS B 107 14.11 -9.88 29.94
C CYS B 107 12.85 -9.82 29.08
N ALA B 108 12.55 -8.65 28.52
CA ALA B 108 11.30 -8.32 27.79
C ALA B 108 11.20 -9.15 26.50
N ALA B 109 12.32 -9.31 25.79
CA ALA B 109 12.41 -10.06 24.52
C ALA B 109 12.29 -11.56 24.78
N LEU B 110 13.02 -12.08 25.77
CA LEU B 110 13.03 -13.51 26.13
C LEU B 110 11.68 -13.90 26.73
N ASP B 111 11.01 -12.95 27.40
CA ASP B 111 9.61 -13.12 27.88
C ASP B 111 8.68 -13.34 26.68
N TYR B 112 8.89 -12.58 25.59
CA TYR B 112 8.08 -12.69 24.34
C TYR B 112 8.18 -14.13 23.83
N TRP B 113 9.39 -14.65 23.65
CA TRP B 113 9.63 -15.99 23.07
C TRP B 113 9.34 -17.09 24.10
N GLY B 114 8.95 -16.73 25.33
CA GLY B 114 8.56 -17.69 26.39
C GLY B 114 9.76 -18.43 26.96
N ARG B 115 10.83 -17.70 27.27
CA ARG B 115 12.11 -18.24 27.79
C ARG B 115 12.16 -18.03 29.30
N GLY B 116 13.23 -18.49 29.95
CA GLY B 116 13.49 -18.30 31.40
C GLY B 116 12.71 -19.27 32.26
N THR B 117 13.01 -19.31 33.56
CA THR B 117 12.38 -20.25 34.53
C THR B 117 12.00 -19.47 35.81
N GLN B 118 10.91 -19.89 36.46
CA GLN B 118 10.19 -19.17 37.54
C GLN B 118 10.80 -19.50 38.90
N VAL B 119 11.00 -18.49 39.75
CA VAL B 119 11.53 -18.63 41.15
C VAL B 119 10.48 -18.05 42.12
N THR B 120 10.17 -18.77 43.20
CA THR B 120 9.12 -18.43 44.19
C THR B 120 9.67 -18.68 45.61
N VAL B 121 9.55 -17.68 46.50
CA VAL B 121 10.23 -17.66 47.83
C VAL B 121 9.30 -17.05 48.89
N SER B 122 8.89 -17.86 49.89
CA SER B 122 8.04 -17.44 51.04
C SER B 122 8.87 -17.44 52.33
N SER B 123 8.28 -16.95 53.43
CA SER B 123 8.88 -16.95 54.79
C SER B 123 7.79 -16.70 55.84
C1 NAG C . 7.08 -14.19 -4.90
C2 NAG C . 5.95 -14.41 -3.92
C3 NAG C . 5.72 -15.92 -3.84
C4 NAG C . 5.29 -16.36 -5.25
C5 NAG C . 6.44 -16.08 -6.22
C6 NAG C . 6.14 -16.52 -7.65
C7 NAG C . 7.22 -14.00 -1.83
C8 NAG C . 7.39 -13.07 -0.66
N2 NAG C . 6.22 -13.71 -2.66
O3 NAG C . 4.74 -16.26 -2.86
O4 NAG C . 4.83 -17.72 -5.41
O5 NAG C . 6.71 -14.67 -6.19
O6 NAG C . 6.36 -17.92 -7.78
O7 NAG C . 7.99 -14.94 -2.00
H1 NAG C . 7.96 -14.75 -4.54
H2 NAG C . 5.02 -13.93 -4.28
H3 NAG C . 6.65 -16.44 -3.58
H4 NAG C . 4.42 -15.79 -5.58
H5 NAG C . 7.35 -16.62 -5.90
H61 NAG C . 6.79 -15.98 -8.34
H62 NAG C . 5.09 -16.28 -7.88
H81 NAG C . 6.50 -13.07 -0.08
H82 NAG C . 8.21 -13.37 -0.07
H83 NAG C . 7.56 -12.08 -1.02
HN2 NAG C . 5.61 -12.96 -2.38
HO3 NAG C . 4.62 -17.23 -2.84
HO6 NAG C . 6.17 -18.20 -8.68
C1 NAG C . 5.51 -18.73 -4.66
C2 NAG C . 4.45 -19.50 -3.87
C3 NAG C . 5.19 -20.47 -2.96
C4 NAG C . 5.92 -21.45 -3.89
C5 NAG C . 6.92 -20.65 -4.73
C6 NAG C . 7.73 -21.53 -5.69
C7 NAG C . 2.32 -18.24 -3.58
C8 NAG C . 1.80 -18.78 -4.88
N2 NAG C . 3.54 -18.60 -3.16
O3 NAG C . 4.28 -21.12 -2.06
O4 NAG C . 6.58 -22.51 -3.16
O5 NAG C . 6.22 -19.66 -5.48
O6 NAG C . 8.50 -20.69 -6.55
O7 NAG C . 1.63 -17.48 -2.93
H1 NAG C . 5.90 -17.72 -4.81
H2 NAG C . 3.80 -20.08 -4.56
H3 NAG C . 5.94 -19.94 -2.36
H4 NAG C . 5.18 -21.90 -4.57
H5 NAG C . 7.64 -20.17 -4.05
H61 NAG C . 7.06 -22.14 -6.29
H62 NAG C . 8.39 -22.18 -5.11
H81 NAG C . 1.75 -19.84 -4.83
H82 NAG C . 0.83 -18.39 -5.06
H83 NAG C . 2.44 -18.51 -5.67
HN2 NAG C . 3.85 -18.22 -2.27
HO3 NAG C . 4.76 -21.73 -1.49
HO6 NAG C . 9.03 -21.23 -7.16
C1 BMA C . 6.18 -23.85 -3.57
C2 BMA C . 5.17 -24.41 -2.55
C3 BMA C . 4.56 -25.74 -3.01
C4 BMA C . 4.10 -25.65 -4.46
C5 BMA C . 5.28 -25.23 -5.32
C6 BMA C . 4.96 -25.19 -6.82
O2 BMA C . 4.11 -23.48 -2.33
O3 BMA C . 3.47 -26.11 -2.16
O4 BMA C . 3.54 -26.90 -4.88
O5 BMA C . 5.71 -23.92 -4.92
O6 BMA C . 6.19 -25.05 -7.55
H1 BMA C . 7.19 -23.39 -3.55
H2 BMA C . 5.70 -24.59 -1.61
H3 BMA C . 5.34 -26.52 -2.95
H4 BMA C . 3.31 -24.87 -4.55
H5 BMA C . 6.10 -25.94 -5.17
H61 BMA C . 4.30 -24.35 -7.03
H62 BMA C . 4.48 -26.13 -7.11
HO2 BMA C . 4.47 -22.64 -2.04
HO3 BMA C . 3.78 -26.16 -1.24
HO4 BMA C . 2.80 -27.13 -4.31
HO6 BMA C . 6.93 -25.00 -6.92
C1 NAG D . -28.17 -0.92 8.20
C2 NAG D . -28.42 -2.15 9.11
C3 NAG D . -29.81 -2.05 9.76
C4 NAG D . -30.00 -0.72 10.48
C5 NAG D . -29.64 0.45 9.57
C6 NAG D . -29.65 1.77 10.35
C7 NAG D . -28.11 -4.60 9.02
C8 NAG D . -28.26 -5.84 8.18
N2 NAG D . -28.39 -3.44 8.40
O3 NAG D . -30.00 -3.12 10.70
O4 NAG D . -31.37 -0.62 10.92
O5 NAG D . -28.34 0.27 9.01
O6 NAG D . -30.97 2.06 10.82
O7 NAG D . -27.80 -4.68 10.20
H1 NAG D . -28.98 -0.99 7.47
H2 NAG D . -27.66 -2.18 9.89
H3 NAG D . -30.56 -2.13 8.97
H4 NAG D . -29.33 -0.70 11.35
H5 NAG D . -30.39 0.50 8.76
H61 NAG D . -29.32 2.58 9.70
H62 NAG D . -28.97 1.69 11.20
H81 NAG D . -27.59 -5.78 7.35
H82 NAG D . -28.02 -6.69 8.76
H83 NAG D . -29.26 -5.92 7.83
HN2 NAG D . -28.58 -3.46 7.41
HO3 NAG D . -30.90 -3.07 11.06
HO4 NAG D . -31.48 0.21 11.41
HO6 NAG D . -30.95 2.89 11.31
#